data_6LWG
#
_entry.id   6LWG
#
_cell.length_a   73.802
_cell.length_b   109.253
_cell.length_c   168.249
_cell.angle_alpha   90.000
_cell.angle_beta   90.000
_cell.angle_gamma   90.000
#
_symmetry.space_group_name_H-M   'P 21 21 21'
#
loop_
_entity.id
_entity.type
_entity.pdbx_description
1 polymer 'Endonuclease 8-like 1'
2 polymer "DNA (5'-D(*CP*GP*TP*CP*CP*AP*(DGH)P*GP*TP*CP*TP*AP*C)-3')"
3 polymer "DNA (5'-D(*TP*AP*GP*AP*CP*CP*TP*GP*GP*AP*CP*GP*G)-3')"
4 non-polymer GLYCEROL
5 water water
#
loop_
_entity_poly.entity_id
_entity_poly.type
_entity_poly.pdbx_seq_one_letter_code
_entity_poly.pdbx_strand_id
1 'polypeptide(L)'
;MGQGPELHLASQFVNEACRALVFGGCVEKSSVSRNPEVPFESSAYRISASARGKELRLILSPLPGAQPQQEPLALVFRFG
MSGSFQLVPREELPRHAHLRFYTAPPGPRLALCFVDIRRFGRWDLGGKWQPGRGPCVLQEYQQFRENVLRNLADKAFDRP
ICEALLDQRFFNGIGNYLRAEILYRLKIPPFEKARSVLEALQQHRPSPELTLSQKIRTKLQNPDLLELCHSVPKEVVQLG
GRGYGSESGEEDFAAFRAWLRCYGMPGMSSLQDRHGRTIWFQGDPGPLAPKGRKS
;
A,D,G
2 'polydeoxyribonucleotide' (DC)(DG)(DT)(DC)(DC)(DA)(8Y9)(DG)(DT)(DC)(DT)(DA)(DC) B,E,H
3 'polydeoxyribonucleotide' (DT)(DA)(DG)(DA)(DC)(DC)(DT)(DG)(DG)(DA)(DC)(DG)(DG) C,F,I
#
# COMPACT_ATOMS: atom_id res chain seq x y z
N GLY A 2 -9.13 14.97 17.76
CA GLY A 2 -7.74 14.87 18.15
C GLY A 2 -6.82 15.02 16.95
N GLN A 3 -5.54 15.23 17.23
CA GLN A 3 -4.42 15.14 16.29
C GLN A 3 -3.63 13.88 16.65
N GLY A 4 -2.52 13.67 15.98
CA GLY A 4 -1.76 12.44 16.17
C GLY A 4 -1.53 12.13 17.64
N PRO A 5 -1.12 13.08 18.46
CA PRO A 5 -0.82 12.75 19.87
C PRO A 5 -2.03 12.19 20.63
N GLU A 6 -3.17 12.84 20.48
CA GLU A 6 -4.45 12.49 21.15
C GLU A 6 -4.86 11.06 20.71
N LEU A 7 -4.80 10.77 19.41
CA LEU A 7 -5.11 9.44 18.84
C LEU A 7 -4.14 8.43 19.43
N HIS A 8 -2.85 8.77 19.49
CA HIS A 8 -1.85 7.85 20.08
C HIS A 8 -2.14 7.59 21.57
N LEU A 9 -2.44 8.63 22.35
CA LEU A 9 -2.71 8.45 23.80
C LEU A 9 -4.03 7.69 24.02
N ALA A 10 -5.03 7.93 23.18
CA ALA A 10 -6.34 7.26 23.17
C ALA A 10 -6.09 5.76 22.98
N SER A 11 -5.25 5.40 22.01
CA SER A 11 -4.90 3.98 21.76
C SER A 11 -4.14 3.40 22.98
N GLN A 12 -3.27 4.16 23.63
CA GLN A 12 -2.57 3.68 24.85
C GLN A 12 -3.61 3.48 25.95
N PHE A 13 -4.67 4.26 25.94
CA PHE A 13 -5.67 4.23 27.04
C PHE A 13 -6.48 2.94 26.90
N VAL A 14 -6.98 2.69 25.70
CA VAL A 14 -7.65 1.43 25.34
C VAL A 14 -6.74 0.25 25.72
N ASN A 15 -5.44 0.30 25.45
CA ASN A 15 -4.58 -0.88 25.71
C ASN A 15 -4.41 -1.10 27.23
N GLU A 16 -4.12 -0.07 28.02
CA GLU A 16 -3.90 -0.23 29.48
C GLU A 16 -5.21 -0.55 30.17
N ALA A 17 -6.30 0.16 29.84
CA ALA A 17 -7.58 0.06 30.57
C ALA A 17 -8.25 -1.29 30.31
N CYS A 18 -8.06 -1.85 29.12
CA CYS A 18 -8.74 -3.09 28.68
C CYS A 18 -7.83 -4.28 28.87
N ARG A 19 -6.61 -4.07 29.34
CA ARG A 19 -5.60 -5.15 29.42
C ARG A 19 -6.21 -6.31 30.16
N ALA A 20 -6.90 -6.03 31.25
CA ALA A 20 -7.40 -7.09 32.16
C ALA A 20 -8.93 -7.20 32.14
N LEU A 21 -9.61 -6.65 31.13
CA LEU A 21 -11.08 -6.75 31.00
C LEU A 21 -11.44 -7.78 29.93
N VAL A 22 -12.55 -8.50 30.14
CA VAL A 22 -13.23 -9.31 29.12
C VAL A 22 -14.56 -8.64 28.76
N PHE A 23 -14.83 -8.38 27.48
CA PHE A 23 -16.13 -7.90 26.96
C PHE A 23 -16.99 -9.09 26.50
N GLY A 24 -18.30 -8.85 26.53
CA GLY A 24 -19.33 -9.80 26.07
C GLY A 24 -20.52 -9.10 25.44
N GLY A 25 -21.19 -9.78 24.53
CA GLY A 25 -22.44 -9.30 23.93
C GLY A 25 -22.16 -8.59 22.64
N CYS A 26 -23.02 -7.64 22.31
CA CYS A 26 -22.95 -6.84 21.08
C CYS A 26 -22.21 -5.53 21.34
N VAL A 27 -21.94 -4.85 20.24
CA VAL A 27 -21.48 -3.45 20.20
C VAL A 27 -22.71 -2.58 19.94
N GLU A 28 -23.07 -1.73 20.90
CA GLU A 28 -24.27 -0.84 20.84
C GLU A 28 -23.90 0.52 20.22
N LYS A 29 -24.59 0.90 19.13
CA LYS A 29 -24.54 2.26 18.52
C LYS A 29 -25.68 3.11 19.10
N SER A 30 -25.49 4.39 19.35
CA SER A 30 -26.60 5.32 19.74
C SER A 30 -27.58 5.42 18.57
N SER A 31 -28.82 5.80 18.82
CA SER A 31 -29.86 5.91 17.75
C SER A 31 -29.48 7.01 16.76
N VAL A 32 -28.84 8.08 17.22
CA VAL A 32 -28.68 9.34 16.45
C VAL A 32 -27.46 9.26 15.50
N SER A 33 -26.47 8.38 15.75
CA SER A 33 -25.24 8.19 14.94
C SER A 33 -25.56 7.65 13.53
N ARG A 34 -25.04 8.33 12.50
CA ARG A 34 -25.15 7.97 11.06
C ARG A 34 -24.02 7.02 10.66
N ASN A 35 -23.09 6.71 11.56
CA ASN A 35 -22.02 5.71 11.29
C ASN A 35 -22.67 4.34 11.29
N PRO A 36 -21.97 3.28 10.80
CA PRO A 36 -22.60 1.99 10.60
C PRO A 36 -22.76 1.16 11.88
N GLU A 37 -23.82 0.37 11.97
CA GLU A 37 -23.94 -0.67 13.02
C GLU A 37 -22.69 -1.57 12.94
N VAL A 38 -22.12 -1.93 14.08
CA VAL A 38 -21.02 -2.93 14.16
C VAL A 38 -21.63 -4.32 14.33
N PRO A 39 -21.58 -5.17 13.28
CA PRO A 39 -22.14 -6.51 13.34
C PRO A 39 -21.12 -7.43 14.03
N PHE A 40 -21.13 -7.44 15.36
CA PHE A 40 -20.18 -8.25 16.17
C PHE A 40 -20.84 -8.66 17.49
N GLU A 41 -20.83 -9.96 17.76
CA GLU A 41 -21.28 -10.51 19.06
C GLU A 41 -20.36 -11.66 19.49
N SER A 42 -19.98 -11.71 20.78
CA SER A 42 -19.15 -12.78 21.40
C SER A 42 -19.36 -12.81 22.92
N SER A 43 -19.49 -14.00 23.52
CA SER A 43 -19.64 -14.24 24.99
C SER A 43 -18.44 -13.71 25.76
N ALA A 44 -17.29 -13.65 25.07
CA ALA A 44 -15.99 -13.28 25.69
C ALA A 44 -15.01 -12.74 24.64
N TYR A 45 -14.69 -11.44 24.62
CA TYR A 45 -13.68 -10.85 23.71
C TYR A 45 -12.85 -9.77 24.43
N ARG A 46 -11.62 -9.61 23.96
CA ARG A 46 -10.61 -8.61 24.35
C ARG A 46 -10.55 -7.51 23.30
N ILE A 47 -10.30 -6.27 23.73
CA ILE A 47 -10.21 -5.09 22.85
C ILE A 47 -8.81 -4.49 22.99
N SER A 48 -8.15 -4.24 21.86
CA SER A 48 -6.79 -3.67 21.79
C SER A 48 -6.78 -2.59 20.71
N ALA A 49 -5.69 -1.80 20.61
CA ALA A 49 -5.71 -0.62 19.73
C ALA A 49 -4.32 -0.25 19.21
N SER A 50 -4.35 0.40 18.05
CA SER A 50 -3.16 1.09 17.51
C SER A 50 -3.61 2.37 16.82
N ALA A 51 -2.68 3.32 16.78
CA ALA A 51 -2.90 4.63 16.13
C ALA A 51 -1.99 4.72 14.92
N ARG A 52 -2.48 5.34 13.86
CA ARG A 52 -1.66 5.78 12.72
C ARG A 52 -2.13 7.17 12.35
N GLY A 53 -1.33 8.19 12.67
CA GLY A 53 -1.72 9.55 12.32
C GLY A 53 -2.97 9.91 13.10
N LYS A 54 -3.97 10.39 12.39
CA LYS A 54 -5.26 10.85 12.91
C LYS A 54 -6.32 9.75 12.82
N GLU A 55 -5.92 8.47 12.76
CA GLU A 55 -6.86 7.32 12.82
C GLU A 55 -6.44 6.41 13.95
N LEU A 56 -7.42 5.71 14.51
CA LEU A 56 -7.21 4.71 15.56
C LEU A 56 -7.92 3.43 15.13
N ARG A 57 -7.28 2.28 15.25
CA ARG A 57 -7.87 0.98 14.84
C ARG A 57 -8.08 0.19 16.12
N LEU A 58 -9.32 -0.22 16.41
CA LEU A 58 -9.63 -1.17 17.51
C LEU A 58 -9.67 -2.57 16.90
N ILE A 59 -9.16 -3.58 17.61
CA ILE A 59 -9.38 -5.00 17.23
C ILE A 59 -10.22 -5.67 18.34
N LEU A 60 -11.34 -6.27 17.94
CA LEU A 60 -12.22 -7.08 18.80
C LEU A 60 -11.84 -8.54 18.59
N SER A 61 -11.32 -9.18 19.65
CA SER A 61 -10.61 -10.48 19.62
C SER A 61 -11.31 -11.46 20.55
N PRO A 62 -12.19 -12.36 20.04
CA PRO A 62 -12.86 -13.32 20.91
C PRO A 62 -11.78 -14.19 21.55
N LEU A 63 -12.04 -14.61 22.81
CA LEU A 63 -11.25 -15.59 23.58
C LEU A 63 -11.45 -16.95 22.92
N PRO A 64 -10.57 -17.93 23.18
CA PRO A 64 -10.80 -19.31 22.73
C PRO A 64 -12.16 -19.80 23.26
N GLY A 65 -12.97 -20.35 22.35
CA GLY A 65 -14.22 -21.08 22.69
C GLY A 65 -15.36 -20.12 22.88
N ALA A 66 -15.15 -18.86 22.61
CA ALA A 66 -16.19 -17.90 22.77
C ALA A 66 -17.27 -18.20 21.79
N GLN A 67 -18.50 -17.88 22.13
CA GLN A 67 -19.58 -18.14 21.24
C GLN A 67 -20.30 -16.86 20.96
N PRO A 68 -20.97 -16.76 19.82
CA PRO A 68 -20.95 -17.53 18.59
C PRO A 68 -19.61 -17.47 17.92
N GLN A 69 -19.23 -18.50 17.19
CA GLN A 69 -17.92 -18.55 16.53
C GLN A 69 -17.71 -17.33 15.68
N GLN A 70 -16.57 -16.70 15.87
CA GLN A 70 -16.29 -15.47 15.19
C GLN A 70 -14.83 -15.14 15.07
N GLU A 71 -14.48 -14.54 13.95
CA GLU A 71 -13.10 -14.04 13.74
C GLU A 71 -12.93 -12.69 14.44
N PRO A 72 -11.68 -12.30 14.71
CA PRO A 72 -11.40 -10.96 15.20
C PRO A 72 -12.02 -9.96 14.22
N LEU A 73 -12.55 -8.85 14.74
CA LEU A 73 -13.07 -7.76 13.90
C LEU A 73 -12.30 -6.47 14.18
N ALA A 74 -11.92 -5.74 13.13
CA ALA A 74 -11.16 -4.47 13.24
C ALA A 74 -12.06 -3.30 12.81
N LEU A 75 -12.01 -2.19 13.55
CA LEU A 75 -12.78 -0.94 13.26
C LEU A 75 -11.80 0.22 13.21
N VAL A 76 -11.89 1.10 12.23
CA VAL A 76 -11.01 2.31 12.19
C VAL A 76 -11.88 3.54 12.47
N PHE A 77 -11.40 4.38 13.39
CA PHE A 77 -12.03 5.62 13.90
C PHE A 77 -11.23 6.85 13.46
N ARG A 78 -11.93 7.87 12.99
CA ARG A 78 -11.40 9.27 12.94
C ARG A 78 -12.22 10.10 13.93
N PHE A 79 -11.56 10.95 14.70
CA PHE A 79 -12.14 11.58 15.91
C PHE A 79 -12.82 12.91 15.58
N GLY A 80 -12.49 13.54 14.47
CA GLY A 80 -13.00 14.91 14.21
C GLY A 80 -12.62 15.87 15.33
N MET A 81 -13.52 16.77 15.70
CA MET A 81 -13.18 17.86 16.65
C MET A 81 -13.27 17.38 18.10
N SER A 82 -14.09 16.38 18.42
CA SER A 82 -14.43 16.07 19.83
C SER A 82 -14.41 14.57 20.16
N GLY A 83 -13.93 13.69 19.28
CA GLY A 83 -13.90 12.24 19.54
C GLY A 83 -12.98 11.89 20.68
N SER A 84 -13.34 10.81 21.39
CA SER A 84 -12.58 10.27 22.54
C SER A 84 -13.10 8.89 22.92
N PHE A 85 -12.35 8.23 23.79
CA PHE A 85 -12.72 6.94 24.40
C PHE A 85 -12.75 7.19 25.90
N GLN A 86 -13.80 6.70 26.55
CA GLN A 86 -13.90 6.66 28.02
C GLN A 86 -14.27 5.25 28.43
N LEU A 87 -13.74 4.83 29.57
CA LEU A 87 -14.16 3.60 30.27
C LEU A 87 -15.01 4.07 31.45
N VAL A 88 -16.31 3.74 31.44
CA VAL A 88 -17.27 4.24 32.46
C VAL A 88 -18.07 3.09 33.06
N PRO A 89 -18.62 3.29 34.28
CA PRO A 89 -19.65 2.39 34.80
C PRO A 89 -20.93 2.40 33.93
N ARG A 90 -21.34 1.18 33.51
CA ARG A 90 -22.30 0.87 32.42
C ARG A 90 -23.57 1.73 32.52
N GLU A 91 -24.03 2.04 33.74
CA GLU A 91 -25.28 2.83 33.95
C GLU A 91 -24.92 4.30 34.32
N GLU A 92 -23.73 4.78 33.97
CA GLU A 92 -23.34 6.21 33.95
C GLU A 92 -22.65 6.53 32.62
N LEU A 93 -23.26 6.12 31.51
CA LEU A 93 -22.84 6.48 30.13
C LEU A 93 -22.76 8.00 30.06
N PRO A 94 -21.67 8.61 29.56
CA PRO A 94 -21.69 10.03 29.26
C PRO A 94 -22.66 10.30 28.10
N ARG A 95 -23.06 11.56 27.97
CA ARG A 95 -23.89 12.02 26.83
C ARG A 95 -22.99 11.96 25.59
N HIS A 96 -23.57 11.64 24.44
CA HIS A 96 -22.84 11.52 23.16
C HIS A 96 -21.87 10.32 23.20
N ALA A 97 -22.17 9.28 23.97
CA ALA A 97 -21.52 7.95 23.85
C ALA A 97 -22.18 7.25 22.66
N HIS A 98 -21.60 7.35 21.47
CA HIS A 98 -22.25 6.85 20.23
C HIS A 98 -21.92 5.37 19.94
N LEU A 99 -20.88 4.80 20.55
CA LEU A 99 -20.55 3.37 20.37
C LEU A 99 -20.02 2.81 21.69
N ARG A 100 -20.67 1.74 22.16
CA ARG A 100 -20.44 1.13 23.50
C ARG A 100 -20.04 -0.34 23.35
N PHE A 101 -19.07 -0.74 24.15
CA PHE A 101 -18.55 -2.10 24.33
C PHE A 101 -18.66 -2.40 25.81
N TYR A 102 -19.40 -3.46 26.15
CA TYR A 102 -19.83 -3.76 27.54
C TYR A 102 -18.96 -4.91 28.07
N THR A 103 -18.39 -4.73 29.27
CA THR A 103 -17.59 -5.80 29.94
C THR A 103 -18.52 -6.97 30.23
N ALA A 104 -17.96 -8.15 30.37
CA ALA A 104 -18.72 -9.30 30.72
C ALA A 104 -18.58 -9.50 32.21
N PRO A 105 -19.52 -10.22 32.82
CA PRO A 105 -19.40 -10.50 34.24
C PRO A 105 -18.34 -11.53 34.39
N PRO A 106 -17.55 -11.47 35.43
CA PRO A 106 -17.87 -10.99 36.76
C PRO A 106 -17.08 -9.74 37.04
N GLY A 107 -17.55 -8.97 37.99
CA GLY A 107 -16.92 -7.72 38.39
C GLY A 107 -17.86 -6.58 38.10
N PRO A 108 -17.37 -5.37 38.24
CA PRO A 108 -18.10 -4.14 37.98
C PRO A 108 -18.36 -4.06 36.51
N ARG A 109 -19.60 -3.82 36.15
CA ARG A 109 -20.09 -3.77 34.75
C ARG A 109 -19.71 -2.43 34.11
N LEU A 110 -18.75 -2.42 33.19
CA LEU A 110 -18.21 -1.16 32.62
C LEU A 110 -18.55 -1.10 31.15
N ALA A 111 -18.39 0.09 30.58
CA ALA A 111 -18.59 0.35 29.14
C ALA A 111 -17.39 1.14 28.64
N LEU A 112 -16.76 0.62 27.59
CA LEU A 112 -15.84 1.40 26.73
C LEU A 112 -16.70 2.15 25.72
N CYS A 113 -16.59 3.49 25.73
CA CYS A 113 -17.45 4.35 24.89
C CYS A 113 -16.58 5.16 23.94
N PHE A 114 -16.93 5.18 22.65
CA PHE A 114 -16.55 6.25 21.73
C PHE A 114 -17.50 7.41 22.00
N VAL A 115 -16.98 8.52 22.50
CA VAL A 115 -17.74 9.75 22.88
C VAL A 115 -17.34 10.90 21.94
N ASP A 116 -18.35 11.55 21.35
CA ASP A 116 -18.20 12.48 20.21
C ASP A 116 -19.36 13.48 20.23
N ILE A 117 -19.17 14.56 20.99
CA ILE A 117 -20.16 15.67 21.15
C ILE A 117 -20.63 16.11 19.77
N ARG A 118 -19.72 16.54 18.89
CA ARG A 118 -20.13 17.25 17.66
C ARG A 118 -20.43 16.26 16.53
N ARG A 119 -20.05 14.98 16.70
CA ARG A 119 -20.34 13.89 15.72
C ARG A 119 -19.62 14.14 14.40
N PHE A 120 -18.46 14.77 14.43
CA PHE A 120 -17.62 14.88 13.21
C PHE A 120 -16.90 13.55 13.00
N GLY A 121 -16.72 12.78 14.08
CA GLY A 121 -16.01 11.50 14.03
C GLY A 121 -16.72 10.52 13.12
N ARG A 122 -15.95 9.61 12.52
CA ARG A 122 -16.49 8.49 11.73
C ARG A 122 -15.86 7.20 12.24
N TRP A 123 -16.48 6.05 11.94
CA TRP A 123 -15.76 4.75 11.95
C TRP A 123 -16.21 3.94 10.75
N ASP A 124 -15.36 3.02 10.30
CA ASP A 124 -15.63 2.11 9.16
C ASP A 124 -15.45 0.66 9.60
N LEU A 125 -16.12 -0.25 8.90
CA LEU A 125 -16.08 -1.68 9.22
C LEU A 125 -14.77 -2.34 8.80
N GLY A 126 -14.19 -2.11 7.63
CA GLY A 126 -12.85 -2.67 7.39
C GLY A 126 -11.89 -2.29 8.53
N GLY A 127 -10.82 -3.04 8.71
CA GLY A 127 -9.66 -2.55 9.48
C GLY A 127 -8.75 -1.61 8.70
N LYS A 128 -9.09 -1.22 7.48
CA LYS A 128 -8.10 -0.56 6.59
C LYS A 128 -7.91 0.89 7.01
N TRP A 129 -6.68 1.34 7.12
CA TRP A 129 -6.37 2.81 7.14
C TRP A 129 -6.94 3.48 5.90
N GLN A 130 -7.29 4.73 6.01
CA GLN A 130 -7.90 5.49 4.91
C GLN A 130 -6.89 5.57 3.78
N PRO A 131 -7.25 5.08 2.58
CA PRO A 131 -6.32 5.12 1.45
C PRO A 131 -6.10 6.60 1.17
N GLY A 132 -4.87 6.98 0.82
CA GLY A 132 -4.58 8.39 0.54
C GLY A 132 -3.87 9.06 1.69
N ARG A 133 -4.18 8.72 2.97
CA ARG A 133 -3.41 9.22 4.13
C ARG A 133 -1.97 8.71 4.05
N GLY A 134 -1.03 9.62 4.15
CA GLY A 134 0.39 9.25 4.22
C GLY A 134 0.71 8.57 5.55
N PRO A 135 1.98 8.20 5.73
CA PRO A 135 2.44 7.48 6.93
C PRO A 135 2.34 8.31 8.22
N CYS A 136 2.20 7.62 9.33
CA CYS A 136 2.11 8.29 10.65
C CYS A 136 3.38 9.11 10.92
N VAL A 137 3.26 10.41 11.28
CA VAL A 137 4.45 11.25 11.62
C VAL A 137 5.06 10.75 12.95
N LEU A 138 4.30 10.01 13.77
CA LEU A 138 4.89 9.52 15.05
C LEU A 138 5.58 8.17 14.83
N GLN A 139 4.92 7.24 14.17
CA GLN A 139 5.32 5.81 14.22
C GLN A 139 6.00 5.38 12.92
N GLU A 140 6.05 6.22 11.92
CA GLU A 140 6.51 5.88 10.54
C GLU A 140 7.32 7.06 10.01
N TYR A 141 8.13 7.69 10.86
CA TYR A 141 8.88 8.91 10.52
C TYR A 141 9.59 8.75 9.16
N GLN A 142 10.38 7.70 9.00
CA GLN A 142 11.27 7.64 7.82
C GLN A 142 10.38 7.50 6.58
N GLN A 143 9.31 6.74 6.69
CA GLN A 143 8.38 6.60 5.56
C GLN A 143 7.69 7.93 5.28
N PHE A 144 7.26 8.63 6.33
CA PHE A 144 6.67 9.99 6.25
C PHE A 144 7.63 10.95 5.56
N ARG A 145 8.86 11.02 6.02
CA ARG A 145 9.87 11.98 5.47
C ARG A 145 10.05 11.69 3.98
N GLU A 146 10.22 10.42 3.60
CA GLU A 146 10.56 10.03 2.20
C GLU A 146 9.36 10.41 1.32
N ASN A 147 8.14 10.13 1.81
CA ASN A 147 6.89 10.34 1.04
C ASN A 147 6.75 11.83 0.72
N VAL A 148 7.14 12.73 1.61
CA VAL A 148 7.15 14.20 1.29
C VAL A 148 8.23 14.49 0.26
N LEU A 149 9.46 14.11 0.55
CA LEU A 149 10.64 14.51 -0.27
C LEU A 149 10.56 13.95 -1.70
N ARG A 150 9.85 12.86 -1.93
CA ARG A 150 9.83 12.24 -3.29
C ARG A 150 8.62 12.72 -4.08
N ASN A 151 7.76 13.59 -3.53
CA ASN A 151 6.53 14.09 -4.17
C ASN A 151 6.42 15.61 -4.04
N LEU A 152 7.52 16.32 -3.96
CA LEU A 152 7.53 17.80 -3.85
C LEU A 152 6.91 18.47 -5.10
N ALA A 153 6.88 17.81 -6.25
CA ALA A 153 6.30 18.41 -7.47
C ALA A 153 4.78 18.53 -7.31
N ASP A 154 4.15 17.71 -6.46
CA ASP A 154 2.68 17.70 -6.24
C ASP A 154 2.18 19.12 -5.95
N LYS A 155 1.03 19.50 -6.51
CA LYS A 155 0.47 20.86 -6.43
C LYS A 155 0.12 21.19 -4.96
N ALA A 156 0.00 20.20 -4.09
CA ALA A 156 -0.16 20.38 -2.63
C ALA A 156 0.92 21.34 -2.10
N PHE A 157 2.13 21.33 -2.67
CA PHE A 157 3.30 22.08 -2.17
C PHE A 157 3.40 23.46 -2.81
N ASP A 158 2.54 23.76 -3.79
CA ASP A 158 2.26 25.13 -4.27
C ASP A 158 1.69 25.99 -3.14
N ARG A 159 0.97 25.41 -2.19
CA ARG A 159 0.21 26.16 -1.15
C ARG A 159 1.17 26.69 -0.10
N PRO A 160 0.74 27.63 0.76
CA PRO A 160 1.50 28.01 1.95
C PRO A 160 1.90 26.83 2.83
N ILE A 161 3.05 26.91 3.49
CA ILE A 161 3.55 25.79 4.33
C ILE A 161 2.50 25.52 5.42
N CYS A 162 1.83 26.52 5.97
CA CYS A 162 0.81 26.26 7.04
C CYS A 162 -0.36 25.40 6.50
N GLU A 163 -0.75 25.57 5.23
CA GLU A 163 -1.87 24.81 4.61
C GLU A 163 -1.38 23.41 4.23
N ALA A 164 -0.17 23.31 3.69
CA ALA A 164 0.41 22.01 3.27
C ALA A 164 0.49 21.06 4.46
N LEU A 165 0.80 21.57 5.64
CA LEU A 165 1.02 20.81 6.90
C LEU A 165 -0.29 20.20 7.45
N LEU A 166 -1.47 20.65 6.95
CA LEU A 166 -2.76 20.00 7.31
C LEU A 166 -3.16 18.96 6.28
N ASP A 167 -2.45 18.85 5.16
CA ASP A 167 -2.79 17.88 4.09
C ASP A 167 -2.42 16.47 4.56
N GLN A 168 -3.40 15.63 4.85
CA GLN A 168 -3.19 14.36 5.57
C GLN A 168 -2.59 13.32 4.60
N ARG A 169 -2.45 13.65 3.33
CA ARG A 169 -1.74 12.76 2.37
C ARG A 169 -0.24 12.80 2.68
N PHE A 170 0.26 13.88 3.29
CA PHE A 170 1.71 14.16 3.49
C PHE A 170 2.06 14.33 4.97
N PHE A 171 1.14 14.81 5.79
CA PHE A 171 1.40 15.06 7.24
C PHE A 171 0.30 14.46 8.11
N ASN A 172 -0.02 13.19 7.86
CA ASN A 172 -1.09 12.43 8.59
C ASN A 172 -0.83 12.49 10.08
N GLY A 173 -1.69 13.16 10.85
CA GLY A 173 -1.46 13.32 12.30
C GLY A 173 -1.26 14.79 12.69
N ILE A 174 -0.76 15.64 11.81
CA ILE A 174 -0.61 17.10 12.07
C ILE A 174 -1.97 17.82 11.94
N GLY A 175 -2.35 18.55 12.98
CA GLY A 175 -3.49 19.47 12.96
C GLY A 175 -3.11 20.86 13.43
N ASN A 176 -4.09 21.61 13.89
CA ASN A 176 -3.97 23.08 13.88
C ASN A 176 -2.98 23.54 14.93
N TYR A 177 -3.08 23.05 16.17
CA TYR A 177 -2.10 23.47 17.19
C TYR A 177 -0.70 23.02 16.76
N LEU A 178 -0.53 21.83 16.17
CA LEU A 178 0.82 21.29 15.89
C LEU A 178 1.52 22.13 14.82
N ARG A 179 0.77 22.60 13.81
CA ARG A 179 1.35 23.35 12.67
C ARG A 179 1.87 24.68 13.22
N ALA A 180 1.17 25.28 14.17
CA ALA A 180 1.64 26.52 14.82
C ALA A 180 2.90 26.21 15.64
N GLU A 181 2.90 25.11 16.39
CA GLU A 181 4.03 24.83 17.31
C GLU A 181 5.30 24.46 16.49
N ILE A 182 5.14 23.71 15.39
CA ILE A 182 6.27 23.25 14.55
C ILE A 182 6.93 24.49 13.92
N LEU A 183 6.15 25.34 13.25
CA LEU A 183 6.61 26.51 12.50
C LEU A 183 7.23 27.56 13.42
N TYR A 184 6.74 27.69 14.63
CA TYR A 184 7.29 28.64 15.64
C TYR A 184 8.68 28.16 16.10
N ARG A 185 8.88 26.86 16.29
CA ARG A 185 10.18 26.29 16.75
C ARG A 185 11.30 26.69 15.79
N LEU A 186 11.02 26.78 14.48
CA LEU A 186 12.00 27.12 13.44
C LEU A 186 11.81 28.55 12.97
N LYS A 187 10.80 29.26 13.47
CA LYS A 187 10.51 30.64 13.03
C LYS A 187 10.41 30.68 11.50
N ILE A 188 9.73 29.69 10.92
CA ILE A 188 9.33 29.66 9.48
C ILE A 188 8.03 30.44 9.35
N PRO A 189 8.01 31.53 8.56
CA PRO A 189 6.75 32.23 8.29
C PRO A 189 5.72 31.26 7.72
N PRO A 190 4.48 31.28 8.26
CA PRO A 190 3.44 30.35 7.87
C PRO A 190 2.98 30.46 6.40
N PHE A 191 3.20 31.61 5.76
CA PHE A 191 2.81 31.81 4.34
C PHE A 191 4.03 31.85 3.43
N GLU A 192 5.14 31.29 3.87
CA GLU A 192 6.21 30.86 2.95
C GLU A 192 5.66 29.74 2.04
N LYS A 193 6.02 29.70 0.76
CA LYS A 193 5.67 28.57 -0.14
C LYS A 193 6.26 27.28 0.46
N ALA A 194 5.44 26.23 0.56
CA ALA A 194 5.79 24.91 1.13
C ALA A 194 6.96 24.28 0.37
N ARG A 195 6.89 24.24 -0.95
CA ARG A 195 7.97 23.68 -1.81
C ARG A 195 9.29 24.39 -1.49
N SER A 196 9.28 25.70 -1.25
CA SER A 196 10.52 26.48 -0.94
C SER A 196 11.19 25.99 0.36
N VAL A 197 10.39 25.63 1.37
CA VAL A 197 10.89 25.28 2.73
C VAL A 197 11.38 23.83 2.69
N LEU A 198 10.84 23.03 1.79
CA LEU A 198 11.09 21.57 1.72
C LEU A 198 12.19 21.25 0.71
N GLU A 199 12.29 21.94 -0.42
CA GLU A 199 13.40 21.82 -1.42
C GLU A 199 14.73 22.02 -0.68
N ALA A 200 14.78 23.03 0.19
CA ALA A 200 15.89 23.39 1.10
C ALA A 200 16.33 22.25 2.09
N LEU A 201 15.89 20.99 1.89
CA LEU A 201 16.02 19.83 2.84
C LEU A 201 16.44 18.55 2.10
N GLN A 202 16.27 18.44 0.79
CA GLN A 202 16.26 17.10 0.13
C GLN A 202 17.56 16.32 0.41
N PRO A 223 18.07 19.35 12.95
CA PRO A 223 16.64 19.45 13.28
C PRO A 223 15.84 20.39 12.35
N ASP A 224 15.42 19.88 11.18
CA ASP A 224 14.65 20.58 10.13
C ASP A 224 13.14 20.38 10.33
N LEU A 225 12.32 21.01 9.48
CA LEU A 225 10.84 21.02 9.56
C LEU A 225 10.26 19.61 9.59
N LEU A 226 10.72 18.68 8.70
CA LEU A 226 10.20 17.30 8.68
C LEU A 226 10.57 16.59 9.97
N GLU A 227 11.74 16.82 10.52
CA GLU A 227 12.06 16.14 11.79
C GLU A 227 11.13 16.63 12.92
N LEU A 228 10.80 17.93 12.99
CA LEU A 228 9.91 18.48 14.05
C LEU A 228 8.48 17.99 13.85
N CYS A 229 8.07 17.64 12.63
CA CYS A 229 6.76 17.01 12.36
C CYS A 229 6.64 15.72 13.16
N HIS A 230 7.76 15.14 13.54
CA HIS A 230 7.83 13.93 14.39
C HIS A 230 8.08 14.36 15.83
N SER A 231 9.14 15.08 16.12
CA SER A 231 9.62 15.32 17.50
C SER A 231 8.61 16.20 18.25
N VAL A 232 7.93 17.14 17.59
CA VAL A 232 7.04 18.06 18.34
C VAL A 232 5.84 17.24 18.86
N PRO A 233 5.11 16.54 17.98
CA PRO A 233 4.03 15.68 18.45
C PRO A 233 4.46 14.61 19.45
N LYS A 234 5.66 14.07 19.32
CA LYS A 234 6.23 13.13 20.32
C LYS A 234 6.30 13.78 21.68
N GLU A 235 6.63 15.05 21.78
CA GLU A 235 6.72 15.75 23.09
C GLU A 235 5.35 15.68 23.77
N VAL A 236 4.28 15.92 23.04
CA VAL A 236 2.90 15.94 23.58
C VAL A 236 2.60 14.52 24.10
N VAL A 237 2.96 13.48 23.33
CA VAL A 237 2.77 12.07 23.76
C VAL A 237 3.46 11.85 25.12
N GLN A 238 4.63 12.44 25.29
CA GLN A 238 5.52 12.20 26.45
C GLN A 238 4.98 12.95 27.68
N LEU A 239 4.30 14.08 27.49
CA LEU A 239 3.56 14.81 28.57
C LEU A 239 2.53 13.87 29.19
N GLY A 240 1.92 13.03 28.35
CA GLY A 240 0.74 12.23 28.72
C GLY A 240 -0.50 13.13 28.76
N GLY A 241 -1.53 12.68 29.48
CA GLY A 241 -2.77 13.44 29.66
C GLY A 241 -3.59 13.48 28.38
N ARG A 242 -4.06 14.68 28.00
CA ARG A 242 -4.99 14.93 26.85
C ARG A 242 -6.29 14.11 27.02
N GLY A 243 -6.73 13.87 28.27
CA GLY A 243 -8.00 13.17 28.61
C GLY A 243 -7.78 11.74 29.13
N TYR A 244 -6.53 11.27 29.09
CA TYR A 244 -6.11 9.85 29.16
C TYR A 244 -5.11 9.64 30.31
N GLY A 245 -4.91 10.65 31.16
CA GLY A 245 -3.86 10.66 32.19
C GLY A 245 -4.34 10.16 33.56
N SER A 246 -3.38 9.95 34.48
CA SER A 246 -3.56 9.58 35.91
C SER A 246 -3.96 10.83 36.71
N GLU A 247 -3.53 11.99 36.22
CA GLU A 247 -3.81 13.33 36.79
C GLU A 247 -5.22 13.72 36.33
N SER A 248 -5.86 14.62 37.10
CA SER A 248 -7.25 15.15 36.91
C SER A 248 -7.43 15.71 35.48
N GLY A 249 -8.66 16.06 35.11
CA GLY A 249 -8.98 16.69 33.81
C GLY A 249 -8.34 18.06 33.68
N GLU A 250 -8.42 18.89 34.73
CA GLU A 250 -7.83 20.26 34.76
C GLU A 250 -6.30 20.19 34.96
N GLU A 251 -5.78 19.08 35.51
CA GLU A 251 -4.34 18.92 35.83
C GLU A 251 -3.53 18.65 34.55
N ASP A 252 -3.94 17.66 33.75
CA ASP A 252 -3.37 17.36 32.41
C ASP A 252 -3.56 18.59 31.49
N PHE A 253 -4.68 19.31 31.62
CA PHE A 253 -4.95 20.48 30.76
C PHE A 253 -4.01 21.65 31.15
N ALA A 254 -3.57 21.73 32.41
CA ALA A 254 -2.55 22.72 32.84
C ALA A 254 -1.23 22.41 32.13
N ALA A 255 -0.79 21.15 32.17
CA ALA A 255 0.51 20.70 31.62
C ALA A 255 0.57 20.99 30.13
N PHE A 256 -0.54 20.77 29.43
CA PHE A 256 -0.61 21.03 27.97
C PHE A 256 -0.51 22.54 27.69
N ARG A 257 -1.27 23.36 28.42
CA ARG A 257 -1.37 24.82 28.15
C ARG A 257 -0.01 25.50 28.41
N ALA A 258 0.71 24.97 29.43
CA ALA A 258 2.11 25.30 29.80
C ALA A 258 3.09 24.98 28.66
N TRP A 259 2.96 23.81 28.03
CA TRP A 259 3.83 23.30 26.95
C TRP A 259 3.63 24.11 25.67
N LEU A 260 2.39 24.54 25.42
CA LEU A 260 2.11 25.35 24.21
C LEU A 260 2.96 26.63 24.31
N ARG A 261 3.66 26.98 23.23
CA ARG A 261 4.48 28.19 23.13
C ARG A 261 3.82 29.21 22.20
N CYS A 262 3.01 28.77 21.24
CA CYS A 262 2.54 29.65 20.13
C CYS A 262 1.01 29.65 20.02
N TYR A 263 0.40 28.48 19.85
CA TYR A 263 -1.06 28.35 19.59
C TYR A 263 -1.86 29.13 20.65
N GLY A 264 -2.59 30.14 20.17
CA GLY A 264 -3.46 31.06 20.94
C GLY A 264 -2.78 31.75 22.11
N MET A 265 -1.46 31.86 22.13
CA MET A 265 -0.70 32.48 23.23
C MET A 265 -0.69 34.01 23.10
N PRO A 266 -0.70 34.72 24.22
CA PRO A 266 -0.65 36.18 24.14
C PRO A 266 0.66 36.63 23.48
N GLY A 267 0.62 37.75 22.75
CA GLY A 267 1.74 38.35 22.00
C GLY A 267 1.94 37.74 20.62
N MET A 268 1.15 36.74 20.24
CA MET A 268 1.28 36.06 18.93
C MET A 268 0.29 36.66 17.93
N SER A 269 0.62 36.66 16.66
CA SER A 269 -0.31 37.03 15.56
C SER A 269 -1.18 35.81 15.22
N SER A 270 -2.27 36.04 14.51
CA SER A 270 -3.10 34.97 13.90
C SER A 270 -3.66 35.51 12.60
N LEU A 271 -3.80 34.64 11.62
CA LEU A 271 -4.53 34.86 10.35
C LEU A 271 -5.39 33.62 10.06
N GLN A 272 -6.38 33.81 9.19
CA GLN A 272 -7.18 32.73 8.56
C GLN A 272 -6.41 32.25 7.33
N ASP A 273 -6.18 30.94 7.22
CA ASP A 273 -5.73 30.33 5.94
C ASP A 273 -6.94 30.30 5.00
N ARG A 274 -6.77 29.72 3.81
CA ARG A 274 -7.80 29.86 2.75
C ARG A 274 -8.99 28.92 3.07
N HIS A 275 -8.90 28.02 4.05
CA HIS A 275 -10.10 27.22 4.44
C HIS A 275 -10.66 27.81 5.75
N GLY A 276 -10.21 28.99 6.15
CA GLY A 276 -10.75 29.69 7.33
C GLY A 276 -10.28 29.11 8.65
N ARG A 277 -9.26 28.24 8.64
CA ARG A 277 -8.58 27.71 9.86
C ARG A 277 -7.56 28.74 10.36
N THR A 278 -7.56 29.03 11.67
CA THR A 278 -6.65 30.02 12.28
C THR A 278 -5.23 29.43 12.42
N ILE A 279 -4.24 30.14 11.85
CA ILE A 279 -2.78 29.87 12.04
C ILE A 279 -2.20 30.90 12.99
N TRP A 280 -1.57 30.44 14.07
CA TRP A 280 -0.86 31.26 15.08
C TRP A 280 0.65 31.30 14.76
N PHE A 281 1.28 32.46 14.91
CA PHE A 281 2.70 32.69 14.53
C PHE A 281 3.20 33.93 15.24
N GLN A 282 4.54 34.05 15.21
CA GLN A 282 5.29 35.23 15.67
C GLN A 282 5.94 35.86 14.46
N GLY A 283 5.83 37.17 14.35
CA GLY A 283 6.59 37.94 13.36
C GLY A 283 6.00 37.92 11.96
N ASP A 284 6.87 37.64 10.99
CA ASP A 284 6.61 37.80 9.54
C ASP A 284 5.56 36.77 9.15
N PRO A 285 4.40 37.22 8.63
CA PRO A 285 3.39 36.31 8.08
C PRO A 285 3.92 35.53 6.87
N GLY A 286 4.78 36.11 6.05
CA GLY A 286 5.38 35.41 4.91
C GLY A 286 4.76 35.87 3.58
N PRO A 287 5.43 35.56 2.44
CA PRO A 287 5.05 36.11 1.14
C PRO A 287 3.60 35.87 0.70
N LEU A 288 3.04 34.66 0.81
CA LEU A 288 1.70 34.31 0.25
C LEU A 288 0.58 34.68 1.22
N ALA A 289 0.83 35.60 2.15
CA ALA A 289 -0.10 35.99 3.22
C ALA A 289 -1.32 36.65 2.61
N PRO A 290 -2.52 36.45 3.18
CA PRO A 290 -3.66 37.29 2.83
C PRO A 290 -3.54 38.62 3.57
N GLY D 2 17.55 -14.96 7.89
CA GLY D 2 17.49 -13.58 8.35
C GLY D 2 16.56 -13.43 9.53
N GLN D 3 16.56 -12.22 10.09
CA GLN D 3 15.66 -11.79 11.18
C GLN D 3 14.69 -10.78 10.57
N GLY D 4 13.85 -10.18 11.41
CA GLY D 4 12.84 -9.21 10.94
C GLY D 4 13.44 -8.24 9.91
N PRO D 5 14.59 -7.63 10.16
CA PRO D 5 15.07 -6.60 9.24
C PRO D 5 15.38 -7.17 7.83
N GLU D 6 16.09 -8.29 7.77
CA GLU D 6 16.49 -8.96 6.50
C GLU D 6 15.22 -9.35 5.70
N LEU D 7 14.19 -9.86 6.39
CA LEU D 7 12.91 -10.23 5.73
C LEU D 7 12.25 -8.95 5.21
N HIS D 8 12.25 -7.89 6.01
CA HIS D 8 11.67 -6.59 5.64
C HIS D 8 12.41 -6.05 4.42
N LEU D 9 13.75 -6.07 4.43
CA LEU D 9 14.54 -5.49 3.29
C LEU D 9 14.37 -6.36 2.03
N ALA D 10 14.26 -7.67 2.20
CA ALA D 10 14.04 -8.65 1.11
C ALA D 10 12.71 -8.32 0.41
N SER D 11 11.68 -8.08 1.20
CA SER D 11 10.35 -7.64 0.72
C SER D 11 10.47 -6.32 -0.07
N GLN D 12 11.22 -5.36 0.46
CA GLN D 12 11.45 -4.07 -0.24
C GLN D 12 12.11 -4.36 -1.59
N PHE D 13 13.05 -5.31 -1.60
CA PHE D 13 13.86 -5.60 -2.81
C PHE D 13 12.96 -6.20 -3.89
N VAL D 14 12.16 -7.21 -3.54
CA VAL D 14 11.19 -7.80 -4.50
C VAL D 14 10.27 -6.70 -5.07
N ASN D 15 9.74 -5.82 -4.26
CA ASN D 15 8.75 -4.82 -4.75
C ASN D 15 9.47 -3.78 -5.63
N GLU D 16 10.67 -3.28 -5.29
CA GLU D 16 11.44 -2.34 -6.15
C GLU D 16 11.77 -3.05 -7.49
N ALA D 17 12.43 -4.19 -7.40
CA ALA D 17 13.04 -4.91 -8.54
C ALA D 17 11.98 -5.38 -9.55
N CYS D 18 10.81 -5.78 -9.06
CA CYS D 18 9.77 -6.46 -9.88
C CYS D 18 8.70 -5.45 -10.30
N ARG D 19 8.76 -4.22 -9.80
CA ARG D 19 7.69 -3.23 -10.04
C ARG D 19 7.34 -3.23 -11.52
N ALA D 20 8.36 -3.23 -12.39
CA ALA D 20 8.19 -3.00 -13.83
C ALA D 20 8.44 -4.27 -14.66
N LEU D 21 8.50 -5.47 -14.04
CA LEU D 21 8.77 -6.74 -14.75
C LEU D 21 7.49 -7.55 -14.86
N VAL D 22 7.36 -8.32 -15.95
CA VAL D 22 6.24 -9.27 -16.15
C VAL D 22 6.85 -10.67 -16.20
N PHE D 23 6.33 -11.59 -15.39
CA PHE D 23 6.78 -13.00 -15.35
C PHE D 23 5.84 -13.85 -16.21
N GLY D 24 6.39 -14.95 -16.72
CA GLY D 24 5.68 -15.94 -17.56
C GLY D 24 6.21 -17.34 -17.35
N GLY D 25 5.36 -18.34 -17.64
CA GLY D 25 5.71 -19.76 -17.60
C GLY D 25 5.51 -20.32 -16.21
N CYS D 26 6.35 -21.28 -15.84
CA CYS D 26 6.26 -22.03 -14.56
C CYS D 26 7.15 -21.36 -13.51
N VAL D 27 6.92 -21.75 -12.26
CA VAL D 27 7.86 -21.55 -11.14
C VAL D 27 8.71 -22.82 -11.01
N GLU D 28 10.01 -22.71 -11.28
CA GLU D 28 10.98 -23.84 -11.28
C GLU D 28 11.59 -23.98 -9.86
N LYS D 29 11.47 -25.17 -9.27
CA LYS D 29 12.22 -25.60 -8.07
C LYS D 29 13.52 -26.30 -8.47
N SER D 30 14.60 -26.10 -7.73
CA SER D 30 15.87 -26.84 -7.98
C SER D 30 15.64 -28.32 -7.71
N SER D 31 16.50 -29.15 -8.27
CA SER D 31 16.42 -30.62 -8.15
C SER D 31 16.66 -31.05 -6.71
N VAL D 32 17.41 -30.29 -5.90
CA VAL D 32 17.76 -30.79 -4.53
C VAL D 32 16.74 -30.34 -3.46
N SER D 33 15.90 -29.31 -3.69
CA SER D 33 14.98 -28.70 -2.69
C SER D 33 13.80 -29.63 -2.35
N ARG D 34 13.60 -29.89 -1.06
CA ARG D 34 12.56 -30.77 -0.45
C ARG D 34 11.29 -29.96 -0.20
N ASN D 35 11.32 -28.64 -0.37
CA ASN D 35 10.12 -27.78 -0.31
C ASN D 35 9.22 -28.11 -1.49
N PRO D 36 7.92 -27.74 -1.46
CA PRO D 36 6.95 -28.22 -2.45
C PRO D 36 7.03 -27.54 -3.81
N GLU D 37 6.68 -28.26 -4.86
CA GLU D 37 6.44 -27.68 -6.20
C GLU D 37 5.37 -26.61 -6.05
N VAL D 38 5.60 -25.48 -6.71
CA VAL D 38 4.61 -24.39 -6.87
C VAL D 38 3.78 -24.68 -8.12
N PRO D 39 2.50 -25.08 -7.96
CA PRO D 39 1.68 -25.46 -9.10
C PRO D 39 1.08 -24.18 -9.70
N PHE D 40 1.86 -23.47 -10.50
CA PHE D 40 1.49 -22.14 -11.03
C PHE D 40 2.16 -21.91 -12.38
N GLU D 41 1.31 -21.65 -13.36
CA GLU D 41 1.73 -21.32 -14.73
C GLU D 41 0.83 -20.22 -15.25
N SER D 42 1.42 -19.18 -15.83
CA SER D 42 0.69 -18.06 -16.48
C SER D 42 1.59 -17.41 -17.52
N SER D 43 0.98 -17.09 -18.68
CA SER D 43 1.59 -16.34 -19.81
C SER D 43 2.14 -14.99 -19.33
N ALA D 44 1.53 -14.40 -18.29
CA ALA D 44 1.86 -13.04 -17.81
C ALA D 44 1.38 -12.88 -16.37
N TYR D 45 2.30 -12.79 -15.41
CA TYR D 45 1.98 -12.47 -13.99
C TYR D 45 2.99 -11.48 -13.40
N ARG D 46 2.53 -10.74 -12.39
CA ARG D 46 3.34 -9.83 -11.57
C ARG D 46 3.62 -10.49 -10.22
N ILE D 47 4.75 -10.15 -9.59
CA ILE D 47 5.13 -10.65 -8.24
C ILE D 47 5.22 -9.45 -7.27
N SER D 48 4.59 -9.59 -6.11
CA SER D 48 4.71 -8.58 -5.02
C SER D 48 5.01 -9.29 -3.69
N ALA D 49 5.46 -8.55 -2.70
CA ALA D 49 5.92 -9.14 -1.44
C ALA D 49 5.48 -8.28 -0.25
N SER D 50 5.30 -8.90 0.90
CA SER D 50 5.35 -8.18 2.19
C SER D 50 6.02 -9.08 3.20
N ALA D 51 6.49 -8.49 4.28
CA ALA D 51 7.08 -9.17 5.43
C ALA D 51 6.16 -9.00 6.62
N ARG D 52 6.17 -9.98 7.48
CA ARG D 52 5.64 -9.91 8.86
C ARG D 52 6.57 -10.73 9.73
N GLY D 53 7.34 -10.05 10.59
CA GLY D 53 8.28 -10.72 11.50
C GLY D 53 9.28 -11.49 10.66
N LYS D 54 9.37 -12.80 10.85
CA LYS D 54 10.39 -13.63 10.20
C LYS D 54 9.79 -14.40 9.01
N GLU D 55 8.72 -13.89 8.42
CA GLU D 55 8.08 -14.52 7.24
C GLU D 55 7.96 -13.49 6.16
N LEU D 56 8.01 -13.93 4.93
CA LEU D 56 7.78 -13.06 3.75
C LEU D 56 6.71 -13.73 2.88
N ARG D 57 5.73 -12.98 2.42
CA ARG D 57 4.65 -13.53 1.56
C ARG D 57 4.83 -12.96 0.16
N LEU D 58 4.99 -13.85 -0.86
CA LEU D 58 4.97 -13.47 -2.31
C LEU D 58 3.54 -13.71 -2.81
N ILE D 59 3.04 -12.83 -3.66
CA ILE D 59 1.73 -13.03 -4.35
C ILE D 59 2.04 -13.08 -5.82
N LEU D 60 1.66 -14.19 -6.46
CA LEU D 60 1.78 -14.38 -7.92
C LEU D 60 0.43 -14.02 -8.52
N SER D 61 0.36 -12.89 -9.23
CA SER D 61 -0.88 -12.25 -9.71
C SER D 61 -0.90 -12.22 -11.24
N PRO D 62 -1.60 -13.15 -11.91
CA PRO D 62 -1.76 -13.10 -13.35
C PRO D 62 -2.37 -11.73 -13.72
N LEU D 63 -1.97 -11.18 -14.88
CA LEU D 63 -2.60 -10.01 -15.52
C LEU D 63 -3.99 -10.45 -15.98
N PRO D 64 -4.94 -9.51 -16.17
CA PRO D 64 -6.19 -9.83 -16.86
C PRO D 64 -5.84 -10.47 -18.20
N GLY D 65 -6.53 -11.57 -18.51
CA GLY D 65 -6.52 -12.19 -19.85
C GLY D 65 -5.45 -13.24 -19.95
N ALA D 66 -4.57 -13.29 -18.95
CA ALA D 66 -3.43 -14.22 -18.86
C ALA D 66 -3.90 -15.68 -18.96
N GLN D 67 -3.17 -16.50 -19.72
CA GLN D 67 -3.55 -17.90 -20.00
C GLN D 67 -2.78 -18.75 -19.01
N PRO D 68 -3.24 -20.00 -18.76
CA PRO D 68 -4.54 -20.27 -18.17
C PRO D 68 -5.10 -19.23 -17.19
N GLN D 69 -6.39 -18.90 -17.34
CA GLN D 69 -7.20 -18.11 -16.38
C GLN D 69 -6.97 -18.72 -15.00
N GLN D 70 -6.65 -17.90 -14.00
CA GLN D 70 -6.53 -18.39 -12.60
C GLN D 70 -6.49 -17.24 -11.59
N GLU D 71 -6.69 -17.61 -10.33
CA GLU D 71 -6.60 -16.64 -9.22
C GLU D 71 -5.14 -16.39 -8.88
N PRO D 72 -4.84 -15.25 -8.24
CA PRO D 72 -3.52 -15.04 -7.67
C PRO D 72 -3.19 -16.24 -6.77
N LEU D 73 -1.92 -16.56 -6.67
CA LEU D 73 -1.41 -17.58 -5.72
C LEU D 73 -0.44 -16.94 -4.74
N ALA D 74 -0.60 -17.29 -3.47
CA ALA D 74 0.25 -16.73 -2.38
C ALA D 74 1.21 -17.82 -1.88
N LEU D 75 2.46 -17.42 -1.61
CA LEU D 75 3.56 -18.28 -1.09
C LEU D 75 4.10 -17.61 0.16
N VAL D 76 4.22 -18.31 1.27
CA VAL D 76 4.92 -17.73 2.47
C VAL D 76 6.27 -18.43 2.61
N PHE D 77 7.33 -17.66 2.78
CA PHE D 77 8.74 -18.07 3.00
C PHE D 77 9.17 -17.83 4.45
N ARG D 78 9.88 -18.79 5.03
CA ARG D 78 10.82 -18.59 6.18
C ARG D 78 12.23 -18.85 5.66
N PHE D 79 13.18 -18.00 5.99
CA PHE D 79 14.52 -17.92 5.38
C PHE D 79 15.51 -18.83 6.11
N GLY D 80 15.23 -19.25 7.35
CA GLY D 80 16.21 -20.04 8.11
C GLY D 80 17.54 -19.29 8.25
N MET D 81 18.66 -19.98 8.15
CA MET D 81 19.99 -19.40 8.43
C MET D 81 20.52 -18.58 7.25
N SER D 82 20.12 -18.88 6.00
CA SER D 82 20.84 -18.33 4.81
C SER D 82 19.90 -17.91 3.67
N GLY D 83 18.61 -17.83 3.87
CA GLY D 83 17.67 -17.47 2.80
C GLY D 83 17.84 -16.05 2.31
N SER D 84 17.49 -15.80 1.06
CA SER D 84 17.53 -14.48 0.39
C SER D 84 16.80 -14.53 -0.95
N PHE D 85 16.65 -13.36 -1.58
CA PHE D 85 16.12 -13.20 -2.95
C PHE D 85 17.19 -12.48 -3.77
N GLN D 86 17.46 -12.97 -4.98
CA GLN D 86 18.27 -12.23 -5.98
C GLN D 86 17.49 -12.16 -7.28
N LEU D 87 17.64 -11.06 -8.01
CA LEU D 87 17.17 -10.89 -9.40
C LEU D 87 18.41 -10.97 -10.27
N VAL D 88 18.49 -12.01 -11.12
CA VAL D 88 19.70 -12.33 -11.92
C VAL D 88 19.33 -12.58 -13.39
N PRO D 89 20.33 -12.51 -14.28
CA PRO D 89 20.20 -13.06 -15.63
C PRO D 89 19.85 -14.56 -15.66
N ARG D 90 18.76 -14.89 -16.37
CA ARG D 90 18.16 -16.24 -16.56
C ARG D 90 19.22 -17.32 -16.78
N GLU D 91 20.33 -17.01 -17.47
CA GLU D 91 21.41 -17.99 -17.76
C GLU D 91 22.61 -17.82 -16.81
N GLU D 92 22.42 -17.17 -15.65
CA GLU D 92 23.47 -16.91 -14.62
C GLU D 92 22.85 -17.07 -13.22
N LEU D 93 22.14 -18.16 -13.01
CA LEU D 93 21.57 -18.54 -11.68
C LEU D 93 22.73 -18.69 -10.70
N PRO D 94 22.67 -18.09 -9.49
CA PRO D 94 23.63 -18.44 -8.45
C PRO D 94 23.45 -19.90 -8.01
N ARG D 95 24.46 -20.42 -7.32
CA ARG D 95 24.37 -21.73 -6.63
C ARG D 95 23.36 -21.60 -5.49
N HIS D 96 22.59 -22.65 -5.27
CA HIS D 96 21.55 -22.72 -4.23
C HIS D 96 20.40 -21.78 -4.56
N ALA D 97 20.13 -21.50 -5.84
CA ALA D 97 18.86 -20.92 -6.32
C ALA D 97 17.81 -22.04 -6.31
N HIS D 98 17.02 -22.18 -5.25
CA HIS D 98 16.07 -23.31 -5.09
C HIS D 98 14.69 -22.99 -5.69
N LEU D 99 14.32 -21.73 -5.90
CA LEU D 99 13.02 -21.38 -6.55
C LEU D 99 13.23 -20.19 -7.48
N ARG D 100 12.84 -20.35 -8.74
CA ARG D 100 13.07 -19.37 -9.84
C ARG D 100 11.72 -18.98 -10.46
N PHE D 101 11.59 -17.69 -10.66
CA PHE D 101 10.49 -17.03 -11.39
C PHE D 101 11.15 -16.29 -12.56
N TYR D 102 10.70 -16.57 -13.78
CA TYR D 102 11.36 -16.11 -15.03
C TYR D 102 10.47 -15.00 -15.63
N THR D 103 11.06 -13.89 -16.03
CA THR D 103 10.32 -12.81 -16.65
C THR D 103 9.82 -13.32 -17.97
N ALA D 104 8.62 -12.90 -18.36
CA ALA D 104 8.05 -13.34 -19.62
C ALA D 104 8.74 -12.72 -20.80
N PRO D 105 8.65 -13.39 -21.95
CA PRO D 105 9.22 -12.90 -23.20
C PRO D 105 8.18 -12.03 -23.82
N PRO D 106 8.57 -10.83 -24.23
CA PRO D 106 9.98 -10.62 -24.50
C PRO D 106 10.59 -9.60 -23.56
N GLY D 107 11.84 -9.30 -23.82
CA GLY D 107 12.59 -8.38 -23.00
C GLY D 107 13.80 -9.11 -22.44
N PRO D 108 14.72 -8.37 -21.87
CA PRO D 108 15.89 -9.03 -21.27
C PRO D 108 15.39 -10.09 -20.30
N ARG D 109 15.95 -11.30 -20.38
CA ARG D 109 15.46 -12.40 -19.59
C ARG D 109 16.06 -12.54 -18.20
N LEU D 110 15.25 -12.28 -17.19
CA LEU D 110 15.75 -12.31 -15.80
C LEU D 110 15.06 -13.42 -15.01
N ALA D 111 15.67 -13.81 -13.90
CA ALA D 111 15.12 -14.75 -12.91
C ALA D 111 15.12 -14.09 -11.54
N LEU D 112 13.98 -14.12 -10.87
CA LEU D 112 13.89 -13.85 -9.41
C LEU D 112 14.12 -15.20 -8.72
N CYS D 113 15.11 -15.28 -7.84
CA CYS D 113 15.54 -16.54 -7.18
C CYS D 113 15.43 -16.44 -5.67
N PHE D 114 14.79 -17.42 -5.03
CA PHE D 114 15.00 -17.71 -3.59
C PHE D 114 16.31 -18.51 -3.48
N VAL D 115 17.31 -17.92 -2.84
CA VAL D 115 18.67 -18.49 -2.67
C VAL D 115 18.90 -18.82 -1.21
N ASP D 116 19.27 -20.08 -0.96
CA ASP D 116 19.34 -20.67 0.41
C ASP D 116 20.44 -21.73 0.45
N ILE D 117 21.64 -21.32 0.80
CA ILE D 117 22.86 -22.16 0.92
C ILE D 117 22.52 -23.40 1.76
N ARG D 118 22.09 -23.22 2.99
CA ARG D 118 22.04 -24.37 3.93
C ARG D 118 20.68 -25.08 3.83
N ARG D 119 19.71 -24.50 3.11
CA ARG D 119 18.39 -25.12 2.86
C ARG D 119 17.59 -25.29 4.15
N PHE D 120 17.77 -24.41 5.13
CA PHE D 120 16.93 -24.39 6.33
C PHE D 120 15.60 -23.69 5.99
N GLY D 121 15.60 -22.86 4.95
CA GLY D 121 14.39 -22.13 4.54
C GLY D 121 13.26 -23.07 4.15
N ARG D 122 12.03 -22.69 4.37
CA ARG D 122 10.82 -23.40 3.88
C ARG D 122 9.93 -22.41 3.14
N TRP D 123 9.11 -22.88 2.22
CA TRP D 123 7.93 -22.10 1.77
C TRP D 123 6.68 -22.99 1.76
N ASP D 124 5.51 -22.41 1.91
CA ASP D 124 4.19 -23.08 1.97
C ASP D 124 3.24 -22.46 0.95
N LEU D 125 2.43 -23.29 0.33
CA LEU D 125 1.36 -22.81 -0.60
C LEU D 125 0.25 -22.18 0.25
N GLY D 126 -0.44 -21.21 -0.29
CA GLY D 126 -1.38 -20.44 0.56
C GLY D 126 -0.65 -19.32 1.26
N GLY D 127 -1.35 -18.25 1.53
CA GLY D 127 -0.68 -17.01 1.94
C GLY D 127 -0.71 -16.82 3.43
N LYS D 128 -1.22 -17.77 4.22
CA LYS D 128 -1.46 -17.52 5.67
C LYS D 128 -0.11 -17.39 6.41
N TRP D 129 0.02 -16.34 7.21
CA TRP D 129 1.08 -16.25 8.23
C TRP D 129 0.95 -17.48 9.14
N GLN D 130 2.04 -17.88 9.74
CA GLN D 130 2.08 -19.10 10.54
C GLN D 130 1.25 -18.83 11.77
N PRO D 131 0.26 -19.68 12.05
CA PRO D 131 -0.61 -19.42 13.18
C PRO D 131 0.32 -19.61 14.38
N GLY D 132 0.09 -18.88 15.46
CA GLY D 132 1.03 -18.94 16.59
C GLY D 132 1.95 -17.73 16.61
N ARG D 133 2.38 -17.19 15.45
CA ARG D 133 3.37 -16.10 15.45
C ARG D 133 2.64 -14.84 15.95
N GLY D 134 3.22 -14.18 16.91
CA GLY D 134 2.73 -12.85 17.33
C GLY D 134 2.90 -11.82 16.21
N PRO D 135 2.36 -10.61 16.44
CA PRO D 135 2.46 -9.49 15.52
C PRO D 135 3.91 -9.08 15.21
N CYS D 136 4.14 -8.59 14.00
CA CYS D 136 5.49 -8.17 13.57
C CYS D 136 6.03 -7.09 14.54
N VAL D 137 7.23 -7.26 15.09
CA VAL D 137 7.84 -6.22 15.97
C VAL D 137 8.14 -4.96 15.15
N LEU D 138 8.27 -5.05 13.83
CA LEU D 138 8.54 -3.82 13.02
C LEU D 138 7.24 -3.14 12.60
N GLN D 139 6.26 -3.88 12.08
CA GLN D 139 5.12 -3.24 11.39
C GLN D 139 3.87 -3.25 12.24
N GLU D 140 3.88 -3.87 13.42
CA GLU D 140 2.69 -4.04 14.26
C GLU D 140 3.10 -3.80 15.72
N TYR D 141 3.84 -2.74 15.98
CA TYR D 141 4.45 -2.47 17.31
C TYR D 141 3.40 -2.53 18.41
N GLN D 142 2.32 -1.77 18.26
CA GLN D 142 1.41 -1.59 19.40
C GLN D 142 0.72 -2.93 19.62
N GLN D 143 0.40 -3.65 18.56
CA GLN D 143 -0.25 -4.98 18.76
C GLN D 143 0.77 -5.95 19.37
N PHE D 144 2.04 -5.87 18.98
CA PHE D 144 3.13 -6.70 19.55
C PHE D 144 3.24 -6.40 21.03
N ARG D 145 3.37 -5.11 21.39
CA ARG D 145 3.65 -4.66 22.77
C ARG D 145 2.51 -5.17 23.66
N GLU D 146 1.27 -4.99 23.22
CA GLU D 146 0.09 -5.33 24.04
C GLU D 146 0.07 -6.85 24.20
N ASN D 147 0.37 -7.60 23.15
CA ASN D 147 0.24 -9.10 23.15
C ASN D 147 1.26 -9.66 24.15
N VAL D 148 2.43 -9.04 24.34
CA VAL D 148 3.35 -9.44 25.43
C VAL D 148 2.74 -9.07 26.79
N LEU D 149 2.41 -7.81 27.00
CA LEU D 149 2.02 -7.28 28.34
C LEU D 149 0.73 -7.91 28.86
N ARG D 150 -0.10 -8.43 27.98
CA ARG D 150 -1.48 -8.90 28.29
C ARG D 150 -1.42 -10.42 28.44
N ASN D 151 -0.25 -11.06 28.32
CA ASN D 151 -0.12 -12.54 28.45
C ASN D 151 1.15 -12.88 29.23
N LEU D 152 1.59 -12.02 30.15
CA LEU D 152 2.79 -12.26 30.97
C LEU D 152 2.65 -13.55 31.81
N ALA D 153 1.44 -14.02 32.10
CA ALA D 153 1.23 -15.25 32.91
C ALA D 153 1.75 -16.47 32.13
N ASP D 154 1.77 -16.42 30.80
CA ASP D 154 2.17 -17.55 29.92
C ASP D 154 3.55 -18.07 30.34
N LYS D 155 3.72 -19.39 30.31
CA LYS D 155 4.94 -20.09 30.79
C LYS D 155 6.15 -19.69 29.93
N ALA D 156 5.93 -19.13 28.74
CA ALA D 156 7.01 -18.60 27.88
C ALA D 156 7.89 -17.62 28.68
N PHE D 157 7.29 -16.89 29.63
CA PHE D 157 7.94 -15.80 30.38
C PHE D 157 8.57 -16.32 31.68
N ASP D 158 8.36 -17.60 32.01
CA ASP D 158 9.13 -18.33 33.04
C ASP D 158 10.60 -18.38 32.64
N ARG D 159 10.90 -18.44 31.34
CA ARG D 159 12.27 -18.74 30.84
C ARG D 159 13.15 -17.49 31.00
N PRO D 160 14.49 -17.60 30.91
CA PRO D 160 15.36 -16.43 30.78
C PRO D 160 14.96 -15.43 29.69
N ILE D 161 15.18 -14.15 29.93
CA ILE D 161 14.74 -13.09 28.97
C ILE D 161 15.41 -13.36 27.61
N CYS D 162 16.67 -13.83 27.56
CA CYS D 162 17.34 -14.03 26.25
C CYS D 162 16.67 -15.17 25.47
N GLU D 163 16.10 -16.18 26.14
CA GLU D 163 15.36 -17.28 25.45
C GLU D 163 13.96 -16.81 25.05
N ALA D 164 13.27 -16.08 25.91
CA ALA D 164 11.89 -15.59 25.68
C ALA D 164 11.88 -14.71 24.41
N LEU D 165 12.96 -13.99 24.15
CA LEU D 165 13.06 -13.01 23.05
C LEU D 165 13.17 -13.71 21.69
N LEU D 166 13.46 -15.01 21.66
CA LEU D 166 13.46 -15.83 20.42
C LEU D 166 12.10 -16.53 20.25
N ASP D 167 11.22 -16.50 21.24
CA ASP D 167 9.88 -17.13 21.14
C ASP D 167 8.99 -16.35 20.15
N GLN D 168 8.75 -16.90 18.97
CA GLN D 168 8.15 -16.12 17.86
C GLN D 168 6.65 -15.89 18.12
N ARG D 169 6.10 -16.49 19.17
CA ARG D 169 4.68 -16.27 19.54
C ARG D 169 4.54 -14.87 20.14
N PHE D 170 5.64 -14.29 20.65
CA PHE D 170 5.63 -12.98 21.34
C PHE D 170 6.62 -11.98 20.72
N PHE D 171 7.71 -12.45 20.13
CA PHE D 171 8.75 -11.56 19.54
C PHE D 171 9.08 -12.00 18.11
N ASN D 172 8.03 -12.13 17.30
CA ASN D 172 8.07 -12.51 15.86
C ASN D 172 8.98 -11.53 15.12
N GLY D 173 10.15 -11.95 14.65
CA GLY D 173 11.11 -11.08 13.99
C GLY D 173 12.43 -11.03 14.72
N ILE D 174 12.43 -11.32 16.02
CA ILE D 174 13.65 -11.21 16.86
C ILE D 174 14.45 -12.52 16.73
N GLY D 175 15.73 -12.40 16.41
CA GLY D 175 16.69 -13.50 16.38
C GLY D 175 17.94 -13.18 17.19
N ASN D 176 19.00 -13.91 16.90
CA ASN D 176 20.11 -14.03 17.86
C ASN D 176 20.88 -12.73 17.99
N TYR D 177 21.28 -12.08 16.89
CA TYR D 177 22.02 -10.81 17.00
C TYR D 177 21.11 -9.76 17.65
N LEU D 178 19.80 -9.76 17.39
CA LEU D 178 18.90 -8.69 17.91
C LEU D 178 18.78 -8.81 19.42
N ARG D 179 18.61 -10.02 19.97
CA ARG D 179 18.48 -10.22 21.44
C ARG D 179 19.77 -9.73 22.14
N ALA D 180 20.93 -9.93 21.55
CA ALA D 180 22.18 -9.41 22.13
C ALA D 180 22.18 -7.88 22.09
N GLU D 181 21.76 -7.29 20.97
CA GLU D 181 21.83 -5.84 20.76
C GLU D 181 20.82 -5.14 21.68
N ILE D 182 19.61 -5.70 21.78
CA ILE D 182 18.48 -5.15 22.60
C ILE D 182 18.93 -5.16 24.07
N LEU D 183 19.33 -6.32 24.60
CA LEU D 183 19.67 -6.50 26.06
C LEU D 183 20.89 -5.67 26.47
N TYR D 184 21.85 -5.49 25.57
CA TYR D 184 23.04 -4.64 25.82
C TYR D 184 22.62 -3.17 25.96
N ARG D 185 21.68 -2.65 25.14
CA ARG D 185 21.26 -1.24 25.18
C ARG D 185 20.71 -0.87 26.57
N LEU D 186 20.06 -1.81 27.26
CA LEU D 186 19.50 -1.59 28.62
C LEU D 186 20.38 -2.26 29.68
N LYS D 187 21.44 -2.95 29.29
CA LYS D 187 22.33 -3.67 30.25
C LYS D 187 21.48 -4.55 31.17
N ILE D 188 20.52 -5.27 30.58
CA ILE D 188 19.72 -6.32 31.28
C ILE D 188 20.51 -7.63 31.20
N PRO D 189 20.88 -8.26 32.33
CA PRO D 189 21.46 -9.59 32.28
C PRO D 189 20.59 -10.57 31.49
N PRO D 190 21.20 -11.31 30.54
CA PRO D 190 20.45 -12.19 29.65
C PRO D 190 19.71 -13.34 30.32
N PHE D 191 20.14 -13.77 31.50
CA PHE D 191 19.51 -14.89 32.23
C PHE D 191 18.71 -14.39 33.43
N GLU D 192 18.33 -13.11 33.41
CA GLU D 192 17.25 -12.60 34.29
C GLU D 192 15.95 -13.28 33.84
N LYS D 193 15.05 -13.64 34.75
CA LYS D 193 13.71 -14.16 34.39
C LYS D 193 12.98 -13.09 33.58
N ALA D 194 12.38 -13.49 32.46
CA ALA D 194 11.66 -12.62 31.50
C ALA D 194 10.49 -11.90 32.19
N ARG D 195 9.68 -12.62 32.96
CA ARG D 195 8.54 -12.02 33.67
C ARG D 195 9.04 -10.92 34.63
N SER D 196 10.20 -11.07 35.26
CA SER D 196 10.74 -10.05 36.21
C SER D 196 11.05 -8.74 35.47
N VAL D 197 11.56 -8.82 34.24
CA VAL D 197 12.01 -7.63 33.47
C VAL D 197 10.78 -6.95 32.86
N LEU D 198 9.71 -7.72 32.60
CA LEU D 198 8.51 -7.25 31.87
C LEU D 198 7.41 -6.80 32.85
N GLU D 199 7.25 -7.46 34.02
CA GLU D 199 6.33 -6.99 35.10
C GLU D 199 6.72 -5.57 35.48
N ALA D 200 8.03 -5.33 35.62
CA ALA D 200 8.65 -4.02 35.91
C ALA D 200 8.62 -3.15 34.64
N LEU D 201 7.42 -2.90 34.13
CA LEU D 201 7.13 -2.03 32.94
C LEU D 201 5.68 -1.53 33.06
N ASN D 222 13.76 7.30 28.23
CA ASN D 222 13.87 5.90 28.76
C ASN D 222 13.02 4.98 27.86
N PRO D 223 13.50 4.62 26.64
CA PRO D 223 12.94 3.54 25.84
C PRO D 223 13.16 2.21 26.57
N ASP D 224 12.08 1.54 26.98
CA ASP D 224 12.08 0.23 27.70
C ASP D 224 12.33 -0.95 26.73
N LEU D 225 12.41 -2.17 27.27
CA LEU D 225 12.73 -3.43 26.54
C LEU D 225 11.81 -3.65 25.32
N LEU D 226 10.50 -3.55 25.50
CA LEU D 226 9.53 -3.76 24.40
C LEU D 226 9.67 -2.66 23.36
N GLU D 227 9.98 -1.42 23.73
CA GLU D 227 10.18 -0.38 22.68
C GLU D 227 11.43 -0.72 21.85
N LEU D 228 12.51 -1.20 22.47
CA LEU D 228 13.77 -1.54 21.76
C LEU D 228 13.57 -2.78 20.86
N CYS D 229 12.62 -3.66 21.20
CA CYS D 229 12.27 -4.80 20.35
C CYS D 229 11.79 -4.27 19.00
N HIS D 230 11.32 -3.03 18.97
CA HIS D 230 10.88 -2.41 17.71
C HIS D 230 11.99 -1.47 17.21
N SER D 231 12.47 -0.54 18.03
CA SER D 231 13.41 0.50 17.55
C SER D 231 14.75 -0.11 17.10
N VAL D 232 15.22 -1.19 17.75
CA VAL D 232 16.57 -1.70 17.39
C VAL D 232 16.51 -2.32 15.99
N PRO D 233 15.58 -3.24 15.71
CA PRO D 233 15.48 -3.76 14.36
C PRO D 233 15.16 -2.70 13.28
N LYS D 234 14.41 -1.67 13.63
CA LYS D 234 14.20 -0.47 12.76
C LYS D 234 15.55 0.15 12.41
N GLU D 235 16.52 0.20 13.31
CA GLU D 235 17.83 0.84 13.02
C GLU D 235 18.50 0.10 11.86
N VAL D 236 18.41 -1.24 11.89
CA VAL D 236 19.04 -2.13 10.89
C VAL D 236 18.37 -1.84 9.56
N VAL D 237 17.04 -1.71 9.55
CA VAL D 237 16.26 -1.43 8.31
C VAL D 237 16.80 -0.13 7.70
N GLN D 238 17.11 0.86 8.53
CA GLN D 238 17.45 2.23 8.12
C GLN D 238 18.88 2.27 7.55
N LEU D 239 19.78 1.38 8.02
CA LEU D 239 21.11 1.16 7.39
C LEU D 239 20.93 0.78 5.92
N GLY D 240 19.88 0.01 5.63
CA GLY D 240 19.67 -0.65 4.33
C GLY D 240 20.54 -1.87 4.23
N GLY D 241 20.81 -2.31 3.01
CA GLY D 241 21.82 -3.34 2.72
C GLY D 241 21.32 -4.71 3.14
N ARG D 242 22.13 -5.45 3.90
CA ARG D 242 21.85 -6.84 4.36
C ARG D 242 21.65 -7.76 3.14
N GLY D 243 22.42 -7.49 2.06
CA GLY D 243 22.49 -8.27 0.80
C GLY D 243 21.70 -7.63 -0.34
N TYR D 244 21.08 -6.47 -0.06
CA TYR D 244 20.11 -5.73 -0.92
C TYR D 244 20.71 -4.32 -1.12
N ASP D 252 27.75 -2.83 2.50
CA ASP D 252 26.60 -3.15 3.38
C ASP D 252 27.11 -3.91 4.61
N PHE D 253 27.99 -4.90 4.41
CA PHE D 253 28.51 -5.80 5.46
C PHE D 253 29.36 -4.99 6.44
N ALA D 254 30.12 -4.02 5.95
CA ALA D 254 30.97 -3.13 6.77
C ALA D 254 30.06 -2.28 7.67
N ALA D 255 29.05 -1.65 7.08
CA ALA D 255 28.12 -0.75 7.78
C ALA D 255 27.43 -1.49 8.95
N PHE D 256 27.01 -2.73 8.71
CA PHE D 256 26.32 -3.56 9.72
C PHE D 256 27.28 -3.90 10.87
N ARG D 257 28.51 -4.32 10.56
CA ARG D 257 29.48 -4.81 11.57
C ARG D 257 29.86 -3.64 12.50
N ALA D 258 29.95 -2.44 11.91
CA ALA D 258 30.16 -1.13 12.58
C ALA D 258 28.99 -0.82 13.54
N TRP D 259 27.74 -1.02 13.11
CA TRP D 259 26.48 -0.81 13.89
C TRP D 259 26.39 -1.73 15.10
N LEU D 260 26.85 -2.96 14.94
CA LEU D 260 26.86 -3.93 16.06
C LEU D 260 27.67 -3.31 17.20
N ARG D 261 27.13 -3.32 18.42
CA ARG D 261 27.81 -2.88 19.65
C ARG D 261 28.18 -4.07 20.53
N CYS D 262 27.44 -5.17 20.44
CA CYS D 262 27.58 -6.32 21.38
C CYS D 262 27.87 -7.63 20.65
N TYR D 263 27.01 -8.04 19.72
CA TYR D 263 27.05 -9.39 19.12
C TYR D 263 28.45 -9.66 18.54
N GLY D 264 29.12 -10.67 19.10
CA GLY D 264 30.47 -11.14 18.71
C GLY D 264 31.53 -10.04 18.75
N MET D 265 31.36 -8.98 19.54
CA MET D 265 32.33 -7.85 19.60
C MET D 265 33.44 -8.16 20.61
N PRO D 266 34.70 -7.75 20.34
CA PRO D 266 35.77 -8.07 21.29
C PRO D 266 35.45 -7.48 22.69
N GLY D 267 35.85 -8.21 23.75
CA GLY D 267 35.65 -7.85 25.17
C GLY D 267 34.22 -8.00 25.66
N MET D 268 33.41 -8.78 24.94
CA MET D 268 32.04 -9.16 25.38
C MET D 268 32.08 -10.60 25.88
N SER D 269 31.22 -10.96 26.83
CA SER D 269 31.03 -12.35 27.29
C SER D 269 30.09 -13.07 26.30
N SER D 270 30.08 -14.39 26.31
CA SER D 270 29.10 -15.22 25.57
C SER D 270 28.86 -16.50 26.36
N LEU D 271 27.61 -16.98 26.34
CA LEU D 271 27.20 -18.30 26.87
C LEU D 271 26.25 -18.96 25.88
N GLN D 272 26.04 -20.27 26.05
CA GLN D 272 24.99 -21.07 25.38
C GLN D 272 23.73 -20.95 26.24
N ASP D 273 22.59 -20.60 25.64
CA ASP D 273 21.26 -20.73 26.28
C ASP D 273 20.91 -22.21 26.28
N ARG D 274 19.72 -22.55 26.77
CA ARG D 274 19.21 -23.93 26.95
C ARG D 274 19.18 -24.69 25.62
N HIS D 275 19.07 -24.02 24.49
CA HIS D 275 18.94 -24.68 23.18
C HIS D 275 20.29 -24.60 22.45
N GLY D 276 21.36 -24.24 23.16
CA GLY D 276 22.74 -24.22 22.62
C GLY D 276 22.98 -23.05 21.67
N ARG D 277 22.08 -22.05 21.63
CA ARG D 277 22.28 -20.80 20.87
C ARG D 277 23.12 -19.81 21.69
N THR D 278 24.10 -19.17 21.06
CA THR D 278 25.08 -18.28 21.72
C THR D 278 24.43 -16.92 21.97
N ILE D 279 24.40 -16.48 23.24
CA ILE D 279 23.99 -15.11 23.69
C ILE D 279 25.24 -14.29 24.04
N TRP D 280 25.39 -13.11 23.44
CA TRP D 280 26.46 -12.12 23.70
C TRP D 280 25.96 -11.04 24.67
N PHE D 281 26.80 -10.64 25.62
CA PHE D 281 26.42 -9.69 26.71
C PHE D 281 27.69 -9.10 27.34
N GLN D 282 27.47 -8.05 28.12
CA GLN D 282 28.48 -7.38 28.97
C GLN D 282 28.08 -7.62 30.43
N GLY D 283 29.05 -8.02 31.25
CA GLY D 283 28.90 -8.09 32.72
C GLY D 283 28.16 -9.32 33.20
N ASP D 284 27.14 -9.09 34.04
CA ASP D 284 26.43 -10.11 34.87
C ASP D 284 25.65 -11.02 33.92
N PRO D 285 25.95 -12.33 33.87
CA PRO D 285 25.13 -13.28 33.12
C PRO D 285 23.70 -13.37 33.65
N GLY D 286 23.49 -13.25 34.96
CA GLY D 286 22.13 -13.26 35.54
C GLY D 286 21.80 -14.60 36.21
N PRO D 287 20.70 -14.65 36.99
CA PRO D 287 20.42 -15.79 37.86
C PRO D 287 20.31 -17.16 37.16
N LEU D 288 19.53 -17.28 36.09
CA LEU D 288 19.08 -18.60 35.56
C LEU D 288 20.10 -19.15 34.55
N ALA D 289 21.36 -18.72 34.63
CA ALA D 289 22.43 -19.15 33.70
C ALA D 289 22.66 -20.66 33.81
N PRO D 290 22.97 -21.37 32.71
CA PRO D 290 23.40 -22.76 32.77
C PRO D 290 24.88 -22.82 33.19
N GLY G 2 -13.13 3.48 -30.48
CA GLY G 2 -12.03 2.58 -30.00
C GLY G 2 -11.05 2.21 -31.10
N GLN G 3 -10.22 1.23 -30.84
CA GLN G 3 -9.31 0.69 -31.82
C GLN G 3 -9.78 -0.73 -32.14
N GLY G 4 -8.99 -1.46 -32.91
CA GLY G 4 -9.30 -2.82 -33.31
C GLY G 4 -10.04 -3.75 -32.37
N PRO G 5 -9.53 -3.89 -31.16
CA PRO G 5 -10.13 -4.74 -30.16
C PRO G 5 -11.50 -4.27 -29.76
N GLU G 6 -11.65 -2.98 -29.57
CA GLU G 6 -12.93 -2.44 -29.14
C GLU G 6 -14.03 -2.62 -30.18
N LEU G 7 -13.68 -2.52 -31.45
CA LEU G 7 -14.67 -2.73 -32.47
C LEU G 7 -15.04 -4.19 -32.39
N HIS G 8 -14.03 -5.04 -32.47
CA HIS G 8 -14.20 -6.50 -32.38
C HIS G 8 -15.18 -6.83 -31.24
N LEU G 9 -14.84 -6.46 -30.00
CA LEU G 9 -15.68 -6.74 -28.79
C LEU G 9 -17.12 -6.22 -28.99
N ALA G 10 -17.36 -5.08 -29.64
CA ALA G 10 -18.72 -4.52 -29.82
C ALA G 10 -19.53 -5.40 -30.80
N SER G 11 -18.89 -5.91 -31.87
CA SER G 11 -19.46 -6.84 -32.89
C SER G 11 -19.95 -8.16 -32.24
N GLN G 12 -19.08 -8.83 -31.47
CA GLN G 12 -19.40 -10.02 -30.62
C GLN G 12 -20.47 -9.70 -29.55
N PHE G 13 -20.45 -8.49 -28.97
CA PHE G 13 -21.47 -7.93 -28.04
C PHE G 13 -22.83 -7.78 -28.74
N VAL G 14 -22.86 -7.21 -29.96
CA VAL G 14 -24.07 -7.13 -30.83
C VAL G 14 -24.63 -8.53 -31.11
N ASN G 15 -23.86 -9.38 -31.80
CA ASN G 15 -24.29 -10.74 -32.23
C ASN G 15 -24.73 -11.56 -31.01
N GLU G 16 -23.92 -11.51 -29.93
CA GLU G 16 -24.12 -12.22 -28.63
C GLU G 16 -25.53 -11.97 -28.08
N ALA G 17 -26.09 -10.76 -28.27
CA ALA G 17 -27.50 -10.39 -27.98
C ALA G 17 -28.29 -10.32 -29.30
N VAL G 27 -35.63 2.30 -38.12
CA VAL G 27 -34.21 2.76 -38.02
C VAL G 27 -34.21 4.24 -37.62
N GLU G 28 -34.21 4.53 -36.32
CA GLU G 28 -34.44 5.88 -35.74
C GLU G 28 -33.12 6.61 -35.41
N LYS G 29 -32.94 7.82 -35.97
CA LYS G 29 -31.74 8.68 -35.74
C LYS G 29 -32.11 9.79 -34.75
N SER G 30 -31.13 10.29 -33.99
CA SER G 30 -31.25 11.49 -33.11
C SER G 30 -31.33 12.76 -33.97
N SER G 31 -31.93 13.82 -33.41
CA SER G 31 -32.19 15.09 -34.10
C SER G 31 -30.91 15.90 -34.27
N VAL G 32 -29.86 15.67 -33.47
CA VAL G 32 -28.62 16.51 -33.48
C VAL G 32 -27.53 15.87 -34.36
N SER G 33 -27.65 14.56 -34.61
CA SER G 33 -26.76 13.70 -35.44
C SER G 33 -26.65 14.26 -36.87
N ARG G 34 -25.45 14.63 -37.29
CA ARG G 34 -25.14 15.09 -38.67
C ARG G 34 -24.83 13.87 -39.57
N ASN G 35 -25.04 12.63 -39.08
CA ASN G 35 -24.96 11.39 -39.91
C ASN G 35 -26.30 11.17 -40.65
N PRO G 36 -26.27 10.48 -41.81
CA PRO G 36 -27.48 10.27 -42.62
C PRO G 36 -28.52 9.31 -42.02
N GLU G 37 -29.77 9.44 -42.51
CA GLU G 37 -30.98 8.67 -42.09
C GLU G 37 -30.80 7.23 -42.54
N VAL G 38 -31.12 6.25 -41.68
CA VAL G 38 -30.97 4.80 -42.01
C VAL G 38 -32.23 4.39 -42.78
N PRO G 39 -32.16 4.34 -44.14
CA PRO G 39 -33.32 4.17 -45.05
C PRO G 39 -34.49 3.29 -44.59
N ILE G 47 -30.25 -8.47 -35.94
CA ILE G 47 -29.10 -7.53 -36.15
C ILE G 47 -27.80 -8.35 -36.05
N SER G 48 -27.22 -8.74 -37.18
CA SER G 48 -25.90 -9.42 -37.27
C SER G 48 -24.79 -8.36 -37.24
N ALA G 49 -23.58 -8.74 -36.81
CA ALA G 49 -22.39 -7.85 -36.77
C ALA G 49 -21.12 -8.61 -37.13
N SER G 50 -20.10 -7.86 -37.54
CA SER G 50 -18.71 -8.26 -37.89
C SER G 50 -17.81 -7.03 -37.70
N ALA G 51 -16.56 -7.18 -37.27
CA ALA G 51 -15.56 -6.08 -37.24
C ALA G 51 -14.42 -6.36 -38.24
N ARG G 52 -13.70 -5.31 -38.64
CA ARG G 52 -12.44 -5.35 -39.43
C ARG G 52 -11.65 -4.07 -39.17
N GLY G 53 -10.59 -4.16 -38.35
CA GLY G 53 -9.81 -3.01 -37.86
C GLY G 53 -10.70 -2.08 -37.03
N LYS G 54 -10.59 -0.78 -37.22
CA LYS G 54 -11.42 0.22 -36.48
C LYS G 54 -12.76 0.47 -37.20
N GLU G 55 -13.31 -0.52 -37.92
CA GLU G 55 -14.63 -0.45 -38.61
C GLU G 55 -15.53 -1.61 -38.14
N LEU G 56 -16.84 -1.42 -38.18
CA LEU G 56 -17.85 -2.43 -37.77
C LEU G 56 -19.00 -2.39 -38.77
N ARG G 57 -19.46 -3.56 -39.21
CA ARG G 57 -20.54 -3.72 -40.21
C ARG G 57 -21.71 -4.44 -39.55
N LEU G 58 -22.88 -3.78 -39.47
CA LEU G 58 -24.16 -4.35 -38.99
C LEU G 58 -25.00 -4.79 -40.20
N ILE G 59 -25.32 -6.09 -40.33
CA ILE G 59 -26.11 -6.69 -41.45
C ILE G 59 -27.59 -6.29 -41.29
N LEU G 75 -25.24 0.40 -42.16
CA LEU G 75 -24.33 -0.58 -42.82
C LEU G 75 -22.99 -0.66 -42.07
N VAL G 76 -22.16 0.40 -42.22
CA VAL G 76 -20.73 0.51 -41.76
C VAL G 76 -20.60 1.65 -40.74
N PHE G 77 -19.75 1.47 -39.74
CA PHE G 77 -19.56 2.36 -38.56
C PHE G 77 -18.06 2.55 -38.29
N ARG G 78 -17.60 3.79 -38.11
CA ARG G 78 -16.41 4.14 -37.28
C ARG G 78 -16.92 4.56 -35.90
N PHE G 79 -16.08 4.53 -34.87
CA PHE G 79 -16.48 4.85 -33.48
C PHE G 79 -15.87 6.20 -33.09
N GLY G 80 -14.92 6.72 -33.88
CA GLY G 80 -14.06 7.83 -33.43
C GLY G 80 -13.54 7.62 -31.99
N MET G 81 -13.67 8.62 -31.13
CA MET G 81 -13.19 8.59 -29.73
C MET G 81 -14.16 7.83 -28.81
N SER G 82 -15.47 7.77 -29.09
CA SER G 82 -16.49 7.43 -28.05
C SER G 82 -17.68 6.62 -28.59
N GLY G 83 -17.62 6.11 -29.82
CA GLY G 83 -18.62 5.16 -30.33
C GLY G 83 -18.80 3.95 -29.43
N SER G 84 -19.94 3.26 -29.52
CA SER G 84 -20.36 2.10 -28.69
C SER G 84 -21.73 1.62 -29.17
N PHE G 85 -22.21 0.49 -28.67
CA PHE G 85 -23.56 -0.08 -28.88
C PHE G 85 -24.14 -0.47 -27.50
N GLN G 86 -25.44 -0.26 -27.23
CA GLN G 86 -26.06 -0.71 -25.94
C GLN G 86 -27.40 -1.41 -26.23
N LEU G 87 -27.90 -2.26 -25.31
CA LEU G 87 -29.31 -2.73 -25.29
C LEU G 87 -29.96 -2.28 -23.97
N VAL G 88 -30.64 -1.11 -23.95
CA VAL G 88 -31.35 -0.52 -22.77
C VAL G 88 -32.84 -0.78 -22.93
N PRO G 89 -33.66 -0.67 -21.86
CA PRO G 89 -35.12 -0.71 -22.05
C PRO G 89 -35.55 0.45 -22.98
N ARG G 90 -36.63 0.30 -23.77
CA ARG G 90 -37.10 1.29 -24.77
C ARG G 90 -37.01 2.71 -24.20
N LEU G 93 -33.56 5.00 -22.81
CA LEU G 93 -32.40 5.23 -23.71
C LEU G 93 -31.32 6.04 -22.99
N PRO G 94 -30.02 5.77 -23.25
CA PRO G 94 -28.94 6.62 -22.75
C PRO G 94 -28.92 7.91 -23.59
N ARG G 95 -28.10 8.88 -23.17
CA ARG G 95 -28.19 10.31 -23.61
C ARG G 95 -27.87 10.43 -25.11
N HIS G 96 -26.72 9.89 -25.53
CA HIS G 96 -26.17 10.16 -26.88
C HIS G 96 -26.45 8.97 -27.80
N ALA G 97 -27.61 8.33 -27.63
CA ALA G 97 -28.17 7.33 -28.57
C ALA G 97 -28.51 8.06 -29.88
N HIS G 98 -27.59 8.01 -30.87
CA HIS G 98 -27.71 8.73 -32.17
C HIS G 98 -28.37 7.85 -33.23
N LEU G 99 -28.51 6.56 -32.97
CA LEU G 99 -29.17 5.59 -33.88
C LEU G 99 -29.81 4.49 -33.01
N ARG G 100 -31.05 4.11 -33.34
CA ARG G 100 -31.87 3.12 -32.56
C ARG G 100 -32.50 2.07 -33.49
N PHE G 101 -32.66 0.86 -32.96
CA PHE G 101 -33.36 -0.30 -33.58
C PHE G 101 -34.21 -0.97 -32.48
N TYR G 102 -35.52 -1.17 -32.71
CA TYR G 102 -36.52 -1.58 -31.69
C TYR G 102 -36.95 -3.05 -31.90
N THR G 103 -37.17 -3.79 -30.80
CA THR G 103 -37.90 -5.10 -30.78
C THR G 103 -39.26 -4.91 -31.49
N ALA G 104 -39.92 -6.02 -31.85
CA ALA G 104 -41.15 -6.03 -32.68
C ALA G 104 -42.21 -6.94 -32.06
N ALA G 111 -34.65 -1.92 -26.99
CA ALA G 111 -34.02 -0.97 -27.94
C ALA G 111 -32.49 -1.15 -28.00
N LEU G 112 -31.95 -1.41 -29.20
CA LEU G 112 -30.48 -1.41 -29.47
C LEU G 112 -30.10 -0.05 -30.07
N CYS G 113 -29.08 0.57 -29.49
CA CYS G 113 -28.68 1.97 -29.76
C CYS G 113 -27.17 2.04 -30.05
N PHE G 114 -26.82 2.80 -31.09
CA PHE G 114 -25.45 3.36 -31.31
C PHE G 114 -25.32 4.62 -30.44
N VAL G 115 -24.40 4.60 -29.47
CA VAL G 115 -24.15 5.69 -28.49
C VAL G 115 -22.76 6.26 -28.83
N ASP G 116 -22.64 7.60 -28.92
CA ASP G 116 -21.39 8.34 -29.30
C ASP G 116 -21.44 9.73 -28.65
N ILE G 117 -20.88 9.84 -27.46
CA ILE G 117 -20.90 11.09 -26.64
C ILE G 117 -20.36 12.23 -27.50
N ARG G 118 -19.14 12.06 -28.03
CA ARG G 118 -18.39 13.16 -28.69
C ARG G 118 -18.80 13.31 -30.16
N ARG G 119 -19.49 12.33 -30.77
CA ARG G 119 -20.04 12.46 -32.16
C ARG G 119 -18.91 12.56 -33.21
N PHE G 120 -17.71 12.05 -32.95
CA PHE G 120 -16.64 11.89 -33.98
C PHE G 120 -16.87 10.59 -34.79
N GLY G 121 -17.70 9.67 -34.27
CA GLY G 121 -18.15 8.46 -34.97
C GLY G 121 -18.96 8.82 -36.20
N ARG G 122 -18.68 8.11 -37.30
CA ARG G 122 -19.33 8.24 -38.63
C ARG G 122 -20.08 6.91 -38.87
N TRP G 123 -21.21 6.93 -39.59
CA TRP G 123 -21.83 5.72 -40.20
C TRP G 123 -22.36 6.06 -41.60
N ASP G 124 -22.20 5.11 -42.54
CA ASP G 124 -22.46 5.28 -43.99
C ASP G 124 -23.35 4.14 -44.51
N LEU G 125 -24.21 4.45 -45.49
CA LEU G 125 -25.09 3.49 -46.22
C LEU G 125 -24.23 2.58 -47.13
N GLY G 126 -24.29 1.26 -46.90
CA GLY G 126 -23.55 0.24 -47.67
C GLY G 126 -22.64 -0.58 -46.79
N GLY G 127 -22.16 -1.72 -47.33
CA GLY G 127 -21.32 -2.71 -46.63
C GLY G 127 -19.83 -2.50 -46.87
N LYS G 128 -19.46 -1.36 -47.48
CA LYS G 128 -18.11 -1.10 -48.06
C LYS G 128 -17.12 -0.88 -46.90
N TRP G 129 -16.07 -1.70 -46.83
CA TRP G 129 -14.80 -1.37 -46.10
C TRP G 129 -14.22 -0.13 -46.78
N GLN G 130 -13.51 0.70 -46.02
CA GLN G 130 -12.86 1.96 -46.51
C GLN G 130 -11.67 1.56 -47.39
N PRO G 131 -11.55 2.07 -48.64
CA PRO G 131 -10.48 1.64 -49.54
C PRO G 131 -9.07 1.69 -48.92
N CYS G 136 -6.54 -6.03 -41.25
CA CYS G 136 -7.03 -6.15 -39.85
C CYS G 136 -6.04 -7.03 -39.12
N VAL G 137 -5.27 -6.41 -38.23
CA VAL G 137 -4.14 -7.06 -37.51
C VAL G 137 -4.70 -8.22 -36.70
N LEU G 138 -5.98 -8.13 -36.28
CA LEU G 138 -6.61 -9.11 -35.35
C LEU G 138 -7.13 -10.34 -36.11
N GLN G 139 -7.71 -10.16 -37.31
CA GLN G 139 -8.44 -11.24 -38.05
C GLN G 139 -7.80 -11.56 -39.41
N GLU G 140 -6.80 -10.80 -39.87
CA GLU G 140 -6.16 -10.98 -41.20
C GLU G 140 -4.63 -10.86 -41.04
N TYR G 141 -4.06 -11.67 -40.14
CA TYR G 141 -2.66 -11.60 -39.60
C TYR G 141 -1.59 -11.66 -40.71
N GLN G 142 -1.54 -12.74 -41.49
CA GLN G 142 -0.49 -12.96 -42.52
C GLN G 142 -0.65 -11.93 -43.66
N GLN G 143 -1.90 -11.68 -44.08
CA GLN G 143 -2.29 -10.64 -45.08
C GLN G 143 -1.78 -9.26 -44.60
N PHE G 144 -1.94 -8.93 -43.31
CA PHE G 144 -1.49 -7.64 -42.70
C PHE G 144 0.05 -7.60 -42.64
N ARG G 145 0.69 -8.67 -42.14
CA ARG G 145 2.17 -8.80 -41.99
C ARG G 145 2.83 -8.67 -43.37
N GLU G 146 2.36 -9.44 -44.35
CA GLU G 146 2.85 -9.45 -45.74
C GLU G 146 2.72 -8.04 -46.36
N ASN G 147 1.56 -7.38 -46.21
CA ASN G 147 1.28 -6.04 -46.81
C ASN G 147 2.20 -4.97 -46.20
N VAL G 148 3.00 -5.32 -45.16
CA VAL G 148 4.08 -4.48 -44.56
C VAL G 148 5.44 -5.05 -45.00
N LEU G 149 5.67 -6.36 -44.82
CA LEU G 149 6.86 -7.09 -45.33
C LEU G 149 6.72 -7.30 -46.85
N LYS G 155 6.75 4.24 -48.59
CA LYS G 155 7.19 5.66 -48.54
C LYS G 155 6.73 6.34 -47.24
N ALA G 156 5.82 5.74 -46.49
CA ALA G 156 5.33 6.23 -45.17
C ALA G 156 6.16 5.65 -44.00
N PHE G 157 7.06 4.70 -44.25
CA PHE G 157 8.04 4.17 -43.26
C PHE G 157 9.19 5.18 -43.13
N ASP G 158 8.97 6.42 -43.58
CA ASP G 158 9.91 7.58 -43.49
C ASP G 158 9.58 8.42 -42.25
N ARG G 159 8.50 8.09 -41.54
CA ARG G 159 8.11 8.74 -40.27
C ARG G 159 8.62 7.93 -39.09
N PRO G 160 8.56 8.46 -37.85
CA PRO G 160 8.89 7.66 -36.65
C PRO G 160 7.96 6.47 -36.46
N ILE G 161 8.45 5.40 -35.85
CA ILE G 161 7.68 4.14 -35.63
C ILE G 161 6.39 4.44 -34.86
N CYS G 162 6.41 5.35 -33.88
CA CYS G 162 5.24 5.59 -32.98
C CYS G 162 4.14 6.33 -33.73
N GLU G 163 4.51 7.15 -34.72
CA GLU G 163 3.57 7.73 -35.72
C GLU G 163 3.25 6.66 -36.77
N ALA G 164 4.27 5.96 -37.27
CA ALA G 164 4.13 4.90 -38.30
C ALA G 164 3.01 3.93 -37.91
N LEU G 165 2.90 3.58 -36.63
CA LEU G 165 1.99 2.51 -36.12
C LEU G 165 0.52 2.97 -36.10
N LEU G 166 0.25 4.27 -36.27
CA LEU G 166 -1.12 4.84 -36.31
C LEU G 166 -1.67 4.89 -37.76
N ASP G 167 -0.81 4.71 -38.77
CA ASP G 167 -1.19 4.77 -40.23
C ASP G 167 -2.13 3.61 -40.56
N GLN G 168 -3.41 3.86 -40.84
CA GLN G 168 -4.46 2.79 -40.91
C GLN G 168 -4.39 1.99 -42.24
N ARG G 169 -3.62 2.45 -43.23
CA ARG G 169 -3.35 1.73 -44.51
C ARG G 169 -2.46 0.52 -44.25
N PHE G 170 -1.39 0.70 -43.46
CA PHE G 170 -0.40 -0.36 -43.09
C PHE G 170 -0.85 -1.10 -41.81
N PHE G 171 -1.53 -0.45 -40.85
CA PHE G 171 -1.76 -0.96 -39.45
C PHE G 171 -3.24 -0.87 -39.04
N ASN G 172 -4.14 -1.36 -39.89
CA ASN G 172 -5.60 -1.22 -39.63
C ASN G 172 -5.88 -1.83 -38.26
N GLY G 173 -6.24 -1.00 -37.27
CA GLY G 173 -6.69 -1.46 -35.94
C GLY G 173 -5.84 -0.89 -34.82
N ILE G 174 -4.62 -0.41 -35.13
CA ILE G 174 -3.61 0.05 -34.14
C ILE G 174 -3.81 1.54 -33.85
N GLY G 175 -4.19 1.86 -32.60
CA GLY G 175 -4.32 3.24 -32.07
C GLY G 175 -3.32 3.55 -30.97
N ASN G 176 -3.65 4.50 -30.10
CA ASN G 176 -2.68 5.20 -29.22
C ASN G 176 -2.11 4.23 -28.16
N TYR G 177 -3.00 3.60 -27.39
CA TYR G 177 -2.65 2.69 -26.28
C TYR G 177 -2.02 1.42 -26.87
N LEU G 178 -2.36 1.01 -28.10
CA LEU G 178 -1.73 -0.21 -28.66
C LEU G 178 -0.26 0.05 -29.05
N ARG G 179 0.05 1.11 -29.79
CA ARG G 179 1.44 1.40 -30.24
C ARG G 179 2.40 1.37 -29.04
N ALA G 180 2.05 2.12 -27.98
CA ALA G 180 2.87 2.31 -26.76
C ALA G 180 3.14 0.96 -26.10
N GLU G 181 2.08 0.16 -25.96
CA GLU G 181 2.06 -1.19 -25.37
C GLU G 181 2.98 -2.08 -26.22
N ILE G 182 2.89 -1.98 -27.54
CA ILE G 182 3.66 -2.86 -28.46
C ILE G 182 5.16 -2.54 -28.34
N LEU G 183 5.47 -1.25 -28.37
CA LEU G 183 6.86 -0.69 -28.35
C LEU G 183 7.54 -0.94 -26.99
N TYR G 184 6.79 -0.88 -25.89
CA TYR G 184 7.27 -1.18 -24.51
C TYR G 184 7.89 -2.59 -24.49
N ARG G 185 7.16 -3.61 -24.96
CA ARG G 185 7.50 -5.06 -24.84
C ARG G 185 8.82 -5.39 -25.57
N LEU G 186 9.20 -4.64 -26.61
CA LEU G 186 10.52 -4.80 -27.28
C LEU G 186 11.45 -3.63 -26.92
N LYS G 187 11.13 -2.87 -25.86
CA LYS G 187 11.81 -1.61 -25.47
C LYS G 187 12.43 -0.95 -26.73
N ILE G 188 11.61 -0.72 -27.75
CA ILE G 188 11.99 0.07 -28.97
C ILE G 188 11.82 1.55 -28.61
N PRO G 189 12.82 2.42 -28.88
CA PRO G 189 12.61 3.87 -28.84
C PRO G 189 11.48 4.34 -29.76
N PRO G 190 10.43 4.99 -29.20
CA PRO G 190 9.29 5.44 -30.00
C PRO G 190 9.57 6.51 -31.08
N PHE G 191 10.83 6.93 -31.25
CA PHE G 191 11.26 7.93 -32.26
C PHE G 191 12.55 7.46 -32.97
N GLU G 192 12.75 6.14 -33.08
CA GLU G 192 13.59 5.51 -34.13
C GLU G 192 12.81 5.59 -35.45
N LYS G 193 13.49 5.53 -36.59
CA LYS G 193 12.86 5.68 -37.94
C LYS G 193 12.24 4.35 -38.34
N ALA G 194 10.94 4.34 -38.66
CA ALA G 194 10.11 3.15 -38.98
C ALA G 194 10.80 2.19 -39.97
N ARG G 195 11.51 2.74 -40.97
CA ARG G 195 12.31 1.96 -41.95
C ARG G 195 13.29 1.06 -41.20
N SER G 196 14.15 1.66 -40.38
CA SER G 196 15.30 1.01 -39.69
C SER G 196 14.83 0.05 -38.58
N VAL G 197 13.58 0.20 -38.12
CA VAL G 197 12.87 -0.75 -37.22
C VAL G 197 12.38 -1.92 -38.09
N LEU G 198 11.31 -1.72 -38.86
CA LEU G 198 10.74 -2.74 -39.78
C LEU G 198 11.78 -3.06 -40.87
N PRO G 223 9.36 -13.41 -30.90
CA PRO G 223 8.22 -12.55 -31.31
C PRO G 223 8.68 -11.13 -31.70
N ASP G 224 8.41 -10.70 -32.94
CA ASP G 224 8.87 -9.38 -33.49
C ASP G 224 7.69 -8.38 -33.50
N LEU G 225 8.00 -7.12 -33.81
CA LEU G 225 7.04 -5.98 -33.85
C LEU G 225 5.83 -6.31 -34.73
N LEU G 226 6.04 -6.94 -35.89
CA LEU G 226 4.93 -7.38 -36.78
C LEU G 226 3.96 -8.19 -35.94
N GLU G 227 4.47 -9.17 -35.18
CA GLU G 227 3.65 -10.20 -34.48
C GLU G 227 2.98 -9.63 -33.22
N LEU G 228 3.64 -8.70 -32.51
CA LEU G 228 3.03 -7.95 -31.38
C LEU G 228 1.84 -7.11 -31.88
N CYS G 229 1.83 -6.66 -33.15
CA CYS G 229 0.71 -5.90 -33.77
C CYS G 229 -0.55 -6.79 -33.87
N HIS G 230 -0.39 -8.11 -33.98
CA HIS G 230 -1.49 -9.12 -33.84
C HIS G 230 -1.68 -9.54 -32.37
N SER G 231 -0.63 -10.05 -31.71
CA SER G 231 -0.75 -10.79 -30.42
C SER G 231 -1.15 -9.86 -29.28
N VAL G 232 -0.74 -8.59 -29.31
CA VAL G 232 -1.05 -7.63 -28.21
C VAL G 232 -2.53 -7.24 -28.25
N PRO G 233 -3.08 -6.75 -29.40
CA PRO G 233 -4.51 -6.47 -29.48
C PRO G 233 -5.41 -7.66 -29.11
N LYS G 234 -5.07 -8.86 -29.61
CA LYS G 234 -5.79 -10.12 -29.35
C LYS G 234 -5.94 -10.34 -27.85
N GLU G 235 -4.93 -9.96 -27.07
CA GLU G 235 -4.99 -10.09 -25.61
C GLU G 235 -6.18 -9.26 -25.11
N VAL G 236 -6.30 -8.03 -25.63
CA VAL G 236 -7.38 -7.08 -25.26
C VAL G 236 -8.73 -7.75 -25.54
N VAL G 237 -8.88 -8.35 -26.72
CA VAL G 237 -10.11 -9.12 -27.06
C VAL G 237 -10.39 -10.11 -25.94
N GLN G 238 -9.35 -10.85 -25.49
CA GLN G 238 -9.45 -11.93 -24.47
C GLN G 238 -10.08 -11.34 -23.20
N LEU G 239 -9.74 -10.12 -22.81
CA LEU G 239 -10.48 -9.38 -21.74
C LEU G 239 -11.95 -9.25 -22.18
N GLU G 251 -16.36 -2.06 -13.40
CA GLU G 251 -15.80 -3.43 -13.29
C GLU G 251 -14.86 -3.71 -14.47
N ASP G 252 -15.14 -3.10 -15.63
CA ASP G 252 -14.38 -3.27 -16.91
C ASP G 252 -13.11 -2.40 -16.91
N PHE G 253 -13.23 -1.13 -16.52
CA PHE G 253 -12.11 -0.14 -16.45
C PHE G 253 -10.98 -0.70 -15.58
N ALA G 254 -11.34 -1.45 -14.53
CA ALA G 254 -10.43 -2.03 -13.49
C ALA G 254 -9.54 -3.08 -14.16
N ALA G 255 -10.16 -4.01 -14.88
CA ALA G 255 -9.51 -5.00 -15.79
C ALA G 255 -8.50 -4.28 -16.69
N PHE G 256 -8.96 -3.43 -17.61
CA PHE G 256 -8.13 -2.84 -18.69
C PHE G 256 -6.87 -2.18 -18.12
N ARG G 257 -6.99 -1.43 -17.02
CA ARG G 257 -5.88 -0.58 -16.52
C ARG G 257 -4.86 -1.45 -15.80
N ALA G 258 -5.28 -2.61 -15.28
CA ALA G 258 -4.37 -3.62 -14.69
C ALA G 258 -3.56 -4.31 -15.81
N TRP G 259 -4.20 -4.55 -16.95
CA TRP G 259 -3.64 -5.25 -18.15
C TRP G 259 -2.50 -4.41 -18.75
N LEU G 260 -2.66 -3.08 -18.66
CA LEU G 260 -1.70 -2.09 -19.22
C LEU G 260 -0.35 -2.20 -18.49
N ARG G 261 0.71 -1.95 -19.24
CA ARG G 261 2.12 -1.95 -18.78
C ARG G 261 2.77 -0.60 -19.03
N CYS G 262 2.29 0.23 -19.96
CA CYS G 262 2.99 1.50 -20.33
C CYS G 262 2.03 2.68 -20.41
N TYR G 263 0.90 2.54 -21.13
CA TYR G 263 -0.07 3.64 -21.37
C TYR G 263 -0.72 4.07 -20.05
N GLY G 264 -0.46 5.33 -19.66
CA GLY G 264 -1.04 5.99 -18.47
C GLY G 264 -0.18 5.84 -17.22
N MET G 265 0.70 4.83 -17.19
CA MET G 265 1.38 4.34 -15.96
C MET G 265 2.33 5.39 -15.39
N PRO G 266 2.03 5.94 -14.18
CA PRO G 266 3.04 6.71 -13.45
C PRO G 266 4.35 5.91 -13.50
N GLY G 267 5.47 6.57 -13.80
CA GLY G 267 6.81 5.96 -13.98
C GLY G 267 7.26 5.91 -15.44
N MET G 268 6.37 6.16 -16.40
CA MET G 268 6.70 6.18 -17.85
C MET G 268 6.81 7.63 -18.33
N SER G 269 7.58 7.89 -19.40
CA SER G 269 7.65 9.20 -20.10
C SER G 269 6.33 9.46 -20.87
N SER G 270 6.21 10.68 -21.41
CA SER G 270 5.12 11.14 -22.31
C SER G 270 5.66 12.33 -23.13
N LEU G 271 5.63 12.23 -24.46
CA LEU G 271 5.85 13.35 -25.42
C LEU G 271 4.71 13.37 -26.45
N GLN G 272 4.39 14.54 -27.02
CA GLN G 272 3.41 14.67 -28.13
C GLN G 272 4.10 14.29 -29.45
N ASP G 273 3.40 13.61 -30.36
CA ASP G 273 3.92 13.28 -31.72
C ASP G 273 3.67 14.51 -32.62
N ARG G 274 4.13 14.47 -33.88
CA ARG G 274 4.00 15.60 -34.84
C ARG G 274 2.55 15.70 -35.35
N HIS G 275 1.60 15.01 -34.72
CA HIS G 275 0.14 15.24 -34.91
C HIS G 275 -0.51 15.54 -33.54
N GLY G 276 0.31 15.86 -32.54
CA GLY G 276 -0.09 16.33 -31.21
C GLY G 276 -0.59 15.22 -30.29
N ARG G 277 -0.45 13.94 -30.69
CA ARG G 277 -0.95 12.75 -29.94
C ARG G 277 0.14 12.20 -29.02
N THR G 278 -0.24 11.87 -27.78
CA THR G 278 0.64 11.50 -26.64
C THR G 278 1.09 10.03 -26.77
N ILE G 279 2.36 9.79 -27.15
CA ILE G 279 3.01 8.44 -27.07
C ILE G 279 3.54 8.26 -25.64
N TRP G 280 3.34 7.07 -25.05
CA TRP G 280 3.99 6.62 -23.80
C TRP G 280 5.09 5.60 -24.15
N PHE G 281 6.27 5.69 -23.50
CA PHE G 281 7.42 4.78 -23.73
C PHE G 281 8.21 4.60 -22.41
N GLN G 282 9.38 3.99 -22.50
CA GLN G 282 10.34 3.90 -21.37
C GLN G 282 11.75 4.20 -21.89
N GLY G 283 12.53 4.95 -21.11
CA GLY G 283 13.95 5.29 -21.37
C GLY G 283 14.14 6.19 -22.58
N ASP G 284 15.14 5.88 -23.42
CA ASP G 284 15.55 6.62 -24.64
C ASP G 284 14.31 7.04 -25.44
N PRO G 285 14.01 8.35 -25.53
CA PRO G 285 12.95 8.83 -26.41
C PRO G 285 13.12 8.30 -27.85
N GLY G 286 14.18 8.67 -28.54
CA GLY G 286 14.39 8.20 -29.89
C GLY G 286 15.26 9.17 -30.61
N PRO G 287 14.95 9.42 -31.88
CA PRO G 287 15.78 10.35 -32.62
C PRO G 287 14.95 11.31 -33.43
N LEU G 288 13.65 11.05 -33.53
CA LEU G 288 12.77 11.92 -34.28
C LEU G 288 12.01 12.86 -33.36
N ALA G 289 12.66 13.30 -32.30
CA ALA G 289 11.99 14.20 -31.37
C ALA G 289 12.12 15.65 -31.81
#